data_6MR5
#
_entry.id   6MR5
#
_cell.length_a   159.010
_cell.length_b   46.460
_cell.length_c   96.400
_cell.angle_alpha   90.000
_cell.angle_beta   119.190
_cell.angle_gamma   90.000
#
_symmetry.space_group_name_H-M   'C 1 2 1'
#
loop_
_entity.id
_entity.type
_entity.pdbx_description
1 polymer 'Hdac6 protein'
2 non-polymer 'ZINC ION'
3 non-polymer 'POTASSIUM ION'
4 non-polymer N-[5-(5,6-dichloro-1H-indol-1-yl)pentyl]-2-sulfanylacetamide
5 non-polymer DI(HYDROXYETHYL)ETHER
6 non-polymer 'CITRATE ANION'
7 non-polymer 1,2-ETHANEDIOL
8 water water
#
_entity_poly.entity_id   1
_entity_poly.type   'polypeptide(L)'
_entity_poly.pdbx_seq_one_letter_code
;SNAGGSSPITGLVYDQRMMLHHNMWDSHHPELPQRISRIFSRHEELRLLSRCHRIPARLATEEELALCHSSKHISIIKSS
EHMKPRDLNRLGDEYNSIFISNESYTCALLAAGSCFNSAQAILTGQVRNAVAIVRPPGHHAEKDTACGFCFFNTAALTAR
YAQSITRESLRVLIVDWDVHHGNGTQHIFEEDDSVLYISLHRYEDGAFFPNSEDANYDKVGLGKGRGYNVNIPWNGGKMG
DPEYMAAFHHLVMPIAREFAPELVLVSAGFDAARGDPLGGFQVTPEGYAHLTHQLMSLAAGRVLIILEGGYNLTSISESM
SMCTSMLLGDSPPSLDHLTPLKTSATVSINNVLRAHAPFWSSLR
;
_entity_poly.pdbx_strand_id   A,B
#
loop_
_chem_comp.id
_chem_comp.type
_chem_comp.name
_chem_comp.formula
EDO non-polymer 1,2-ETHANEDIOL 'C2 H6 O2'
FLC non-polymer 'CITRATE ANION' 'C6 H5 O7 -3'
K non-polymer 'POTASSIUM ION' 'K 1'
PEG non-polymer DI(HYDROXYETHYL)ETHER 'C4 H10 O3'
W45 non-polymer N-[5-(5,6-dichloro-1H-indol-1-yl)pentyl]-2-sulfanylacetamide 'C15 H18 Cl2 N2 O S'
ZN non-polymer 'ZINC ION' 'Zn 2'
#
# COMPACT_ATOMS: atom_id res chain seq x y z
N PRO A 8 -11.35 37.48 -14.16
CA PRO A 8 -11.27 36.36 -13.22
C PRO A 8 -10.37 36.67 -12.03
N ILE A 9 -10.89 36.50 -10.81
CA ILE A 9 -10.06 36.64 -9.62
C ILE A 9 -9.16 35.43 -9.42
N THR A 10 -9.53 34.28 -9.97
CA THR A 10 -8.87 33.01 -9.66
C THR A 10 -8.23 32.43 -10.91
N GLY A 11 -6.96 32.04 -10.80
CA GLY A 11 -6.31 31.32 -11.86
C GLY A 11 -6.43 29.81 -11.70
N LEU A 12 -6.30 29.10 -12.81
CA LEU A 12 -6.35 27.64 -12.80
C LEU A 12 -5.35 27.13 -13.81
N VAL A 13 -4.50 26.20 -13.39
CA VAL A 13 -3.56 25.55 -14.29
C VAL A 13 -3.83 24.05 -14.29
N TYR A 14 -3.87 23.48 -15.49
CA TYR A 14 -4.09 22.05 -15.66
C TYR A 14 -3.59 21.68 -17.05
N ASP A 15 -2.78 20.63 -17.13
CA ASP A 15 -2.26 20.13 -18.39
C ASP A 15 -2.43 18.62 -18.38
N GLN A 16 -3.23 18.09 -19.31
CA GLN A 16 -3.49 16.66 -19.35
C GLN A 16 -2.23 15.84 -19.62
N ARG A 17 -1.13 16.49 -20.01
CA ARG A 17 0.13 15.76 -20.19
C ARG A 17 0.64 15.20 -18.87
N MET A 18 0.29 15.82 -17.75
CA MET A 18 0.70 15.27 -16.46
C MET A 18 0.04 13.93 -16.16
N MET A 19 -0.93 13.49 -16.99
CA MET A 19 -1.48 12.15 -16.87
C MET A 19 -0.55 11.07 -17.41
N LEU A 20 0.52 11.44 -18.12
CA LEU A 20 1.36 10.44 -18.77
C LEU A 20 2.25 9.70 -17.78
N HIS A 21 2.52 10.27 -16.62
CA HIS A 21 3.17 9.57 -15.53
C HIS A 21 2.29 8.41 -15.07
N HIS A 22 2.83 7.19 -15.11
CA HIS A 22 2.01 6.02 -14.83
C HIS A 22 2.88 4.87 -14.35
N ASN A 23 2.23 3.88 -13.74
CA ASN A 23 2.89 2.71 -13.17
C ASN A 23 2.71 1.54 -14.12
N MET A 24 3.77 1.19 -14.85
CA MET A 24 3.66 0.16 -15.88
C MET A 24 3.66 -1.25 -15.32
N TRP A 25 3.90 -1.43 -14.03
CA TRP A 25 3.89 -2.75 -13.40
C TRP A 25 2.65 -2.99 -12.56
N ASP A 26 2.30 -2.04 -11.70
CA ASP A 26 1.08 -2.07 -10.90
C ASP A 26 0.18 -0.98 -11.44
N SER A 27 -0.65 -1.32 -12.44
CA SER A 27 -1.55 -0.34 -13.03
C SER A 27 -2.65 0.10 -12.07
N HIS A 28 -2.83 -0.60 -10.94
CA HIS A 28 -3.81 -0.24 -9.93
C HIS A 28 -3.22 0.56 -8.79
N HIS A 29 -2.00 1.08 -8.96
CA HIS A 29 -1.40 1.92 -7.94
C HIS A 29 -2.27 3.17 -7.73
N PRO A 30 -2.57 3.53 -6.47
CA PRO A 30 -3.61 4.55 -6.24
C PRO A 30 -3.32 5.91 -6.86
N GLU A 31 -2.05 6.23 -7.14
CA GLU A 31 -1.70 7.53 -7.71
C GLU A 31 -1.92 7.48 -9.22
N LEU A 32 -3.20 7.48 -9.60
CA LEU A 32 -3.67 7.23 -10.95
C LEU A 32 -3.63 8.49 -11.82
N PRO A 33 -3.43 8.32 -13.13
CA PRO A 33 -3.49 9.49 -14.04
C PRO A 33 -4.81 10.23 -14.01
N GLN A 34 -5.94 9.52 -13.89
CA GLN A 34 -7.23 10.17 -13.95
C GLN A 34 -7.59 10.92 -12.67
N ARG A 35 -6.69 10.98 -11.69
CA ARG A 35 -6.91 11.86 -10.55
C ARG A 35 -7.11 13.29 -11.01
N ILE A 36 -6.23 13.77 -11.88
CA ILE A 36 -6.31 15.18 -12.28
C ILE A 36 -7.37 15.41 -13.35
N SER A 37 -7.65 14.42 -14.21
CA SER A 37 -8.68 14.64 -15.22
C SER A 37 -10.08 14.58 -14.63
N ARG A 38 -10.27 13.78 -13.58
CA ARG A 38 -11.57 13.77 -12.90
C ARG A 38 -11.81 15.09 -12.15
N ILE A 39 -10.77 15.65 -11.54
CA ILE A 39 -10.90 16.95 -10.88
C ILE A 39 -11.19 18.04 -11.90
N PHE A 40 -10.46 18.03 -13.03
CA PHE A 40 -10.68 19.03 -14.06
C PHE A 40 -12.07 18.92 -14.66
N SER A 41 -12.52 17.69 -14.95
CA SER A 41 -13.86 17.52 -15.51
CA SER A 41 -13.86 17.52 -15.51
C SER A 41 -14.94 18.00 -14.55
N ARG A 42 -14.72 17.87 -13.24
CA ARG A 42 -15.69 18.35 -12.28
C ARG A 42 -15.76 19.88 -12.27
N HIS A 43 -14.63 20.55 -12.52
CA HIS A 43 -14.64 22.00 -12.65
C HIS A 43 -15.43 22.44 -13.88
N GLU A 44 -15.36 21.66 -14.96
CA GLU A 44 -16.10 21.99 -16.17
C GLU A 44 -17.61 21.94 -15.93
N GLU A 45 -18.09 20.82 -15.36
CA GLU A 45 -19.53 20.63 -15.24
C GLU A 45 -20.14 21.51 -14.15
N LEU A 46 -19.34 21.99 -13.21
CA LEU A 46 -19.81 22.97 -12.24
C LEU A 46 -19.66 24.40 -12.73
N ARG A 47 -19.27 24.58 -14.00
CA ARG A 47 -19.12 25.90 -14.61
C ARG A 47 -18.12 26.77 -13.86
N LEU A 48 -17.13 26.14 -13.23
CA LEU A 48 -16.09 26.88 -12.54
C LEU A 48 -14.93 27.25 -13.46
N LEU A 49 -14.62 26.37 -14.41
CA LEU A 49 -13.51 26.63 -15.32
C LEU A 49 -13.72 27.91 -16.12
N SER A 50 -14.96 28.15 -16.58
CA SER A 50 -15.25 29.36 -17.33
C SER A 50 -15.09 30.62 -16.50
N ARG A 51 -15.14 30.50 -15.17
CA ARG A 51 -14.94 31.64 -14.29
C ARG A 51 -13.49 31.89 -13.93
N CYS A 52 -12.58 30.98 -14.28
CA CYS A 52 -11.18 31.09 -13.94
C CYS A 52 -10.37 31.60 -15.11
N HIS A 53 -9.26 32.25 -14.80
CA HIS A 53 -8.27 32.63 -15.79
C HIS A 53 -7.32 31.45 -15.99
N ARG A 54 -7.25 30.94 -17.21
CA ARG A 54 -6.45 29.75 -17.48
C ARG A 54 -4.97 30.12 -17.53
N ILE A 55 -4.21 29.55 -16.60
CA ILE A 55 -2.76 29.77 -16.54
C ILE A 55 -2.08 28.61 -17.25
N PRO A 56 -1.17 28.88 -18.18
CA PRO A 56 -0.53 27.78 -18.92
C PRO A 56 0.51 27.05 -18.08
N ALA A 57 0.60 25.75 -18.30
CA ALA A 57 1.65 24.96 -17.68
C ALA A 57 2.98 25.21 -18.40
N ARG A 58 4.07 24.97 -17.68
CA ARG A 58 5.40 25.00 -18.29
C ARG A 58 6.29 24.03 -17.52
N LEU A 59 7.43 23.71 -18.13
CA LEU A 59 8.43 22.90 -17.45
C LEU A 59 9.25 23.78 -16.51
N ALA A 60 9.57 23.24 -15.35
CA ALA A 60 10.59 23.86 -14.52
C ALA A 60 11.96 23.64 -15.16
N THR A 61 12.85 24.61 -14.97
CA THR A 61 14.22 24.46 -15.44
C THR A 61 15.04 23.73 -14.39
N GLU A 62 16.20 23.22 -14.82
CA GLU A 62 17.08 22.52 -13.88
C GLU A 62 17.66 23.49 -12.86
N GLU A 63 17.95 24.73 -13.27
CA GLU A 63 18.38 25.74 -12.31
C GLU A 63 17.29 26.06 -11.30
N GLU A 64 16.02 25.96 -11.73
CA GLU A 64 14.92 26.19 -10.80
C GLU A 64 14.76 25.02 -9.83
N LEU A 65 14.96 23.79 -10.31
CA LEU A 65 14.94 22.64 -9.41
C LEU A 65 16.06 22.72 -8.38
N ALA A 66 17.16 23.39 -8.71
CA ALA A 66 18.29 23.53 -7.79
C ALA A 66 17.99 24.48 -6.64
N LEU A 67 16.87 25.20 -6.68
CA LEU A 67 16.50 26.05 -5.55
C LEU A 67 16.28 25.25 -4.28
N CYS A 68 15.94 23.96 -4.43
CA CYS A 68 15.70 23.08 -3.29
C CYS A 68 16.40 21.72 -3.38
N HIS A 69 16.78 21.26 -4.56
CA HIS A 69 17.22 19.89 -4.74
C HIS A 69 18.70 19.84 -5.14
N SER A 70 19.34 18.74 -4.75
CA SER A 70 20.75 18.54 -5.07
C SER A 70 20.93 18.22 -6.55
N SER A 71 22.11 18.57 -7.08
CA SER A 71 22.39 18.29 -8.48
C SER A 71 22.41 16.80 -8.78
N LYS A 72 22.79 15.98 -7.79
CA LYS A 72 22.80 14.54 -7.97
C LYS A 72 21.38 13.99 -8.09
N HIS A 73 20.49 14.42 -7.20
CA HIS A 73 19.09 13.98 -7.27
C HIS A 73 18.45 14.42 -8.58
N ILE A 74 18.71 15.65 -9.02
CA ILE A 74 18.15 16.15 -10.27
C ILE A 74 18.65 15.30 -11.44
N SER A 75 19.95 14.98 -11.46
CA SER A 75 20.49 14.21 -12.56
CA SER A 75 20.50 14.21 -12.56
C SER A 75 19.94 12.79 -12.58
N ILE A 76 19.76 12.18 -11.41
CA ILE A 76 19.26 10.80 -11.36
C ILE A 76 17.85 10.72 -11.93
N ILE A 77 16.98 11.63 -11.51
CA ILE A 77 15.60 11.60 -11.99
C ILE A 77 15.54 11.94 -13.48
N LYS A 78 16.36 12.91 -13.91
CA LYS A 78 16.40 13.27 -15.33
C LYS A 78 16.84 12.08 -16.19
N SER A 79 17.74 11.25 -15.67
CA SER A 79 18.25 10.12 -16.44
C SER A 79 17.15 9.11 -16.74
N SER A 80 16.11 9.05 -15.90
CA SER A 80 15.02 8.10 -16.11
C SER A 80 14.26 8.36 -17.40
N GLU A 81 14.52 9.48 -18.07
CA GLU A 81 13.77 9.85 -19.27
C GLU A 81 13.87 8.77 -20.35
N HIS A 82 15.09 8.29 -20.60
CA HIS A 82 15.33 7.33 -21.68
C HIS A 82 15.80 5.98 -21.15
N MET A 83 15.64 5.73 -19.85
CA MET A 83 16.06 4.45 -19.29
C MET A 83 15.11 3.33 -19.71
N LYS A 84 15.66 2.12 -19.80
CA LYS A 84 14.88 0.95 -20.18
C LYS A 84 13.99 0.53 -19.01
N PRO A 85 12.95 -0.28 -19.28
CA PRO A 85 12.04 -0.68 -18.20
C PRO A 85 12.73 -1.32 -17.00
N ARG A 86 13.71 -2.21 -17.22
CA ARG A 86 14.42 -2.81 -16.11
C ARG A 86 15.18 -1.76 -15.31
N ASP A 87 15.82 -0.81 -15.99
CA ASP A 87 16.50 0.28 -15.29
C ASP A 87 15.50 1.15 -14.54
N LEU A 88 14.36 1.45 -15.18
CA LEU A 88 13.30 2.20 -14.50
C LEU A 88 12.85 1.47 -13.24
N ASN A 89 12.73 0.14 -13.31
CA ASN A 89 12.27 -0.62 -12.16
C ASN A 89 13.28 -0.59 -11.02
N ARG A 90 14.56 -0.83 -11.34
CA ARG A 90 15.57 -0.86 -10.30
C ARG A 90 15.81 0.52 -9.69
N LEU A 91 15.56 1.59 -10.46
CA LEU A 91 15.65 2.93 -9.89
C LEU A 91 14.50 3.18 -8.93
N GLY A 92 13.29 2.71 -9.28
CA GLY A 92 12.14 2.92 -8.40
C GLY A 92 12.33 2.31 -7.03
N ASP A 93 12.78 1.06 -6.98
CA ASP A 93 12.96 0.37 -5.70
C ASP A 93 14.13 0.92 -4.89
N GLU A 94 14.92 1.85 -5.44
CA GLU A 94 15.94 2.51 -4.63
C GLU A 94 15.33 3.49 -3.63
N TYR A 95 14.10 3.93 -3.86
CA TYR A 95 13.42 4.90 -3.01
C TYR A 95 12.28 4.22 -2.25
N ASN A 96 11.74 4.95 -1.28
CA ASN A 96 10.60 4.49 -0.49
C ASN A 96 9.31 4.86 -1.25
N SER A 97 8.65 3.83 -1.80
CA SER A 97 7.35 3.97 -2.46
C SER A 97 7.44 4.96 -3.62
N ILE A 98 8.08 4.52 -4.69
CA ILE A 98 8.26 5.32 -5.90
C ILE A 98 8.15 4.40 -7.12
N PHE A 99 7.34 4.79 -8.09
CA PHE A 99 7.34 4.18 -9.42
C PHE A 99 7.67 5.24 -10.45
N ILE A 100 8.38 4.82 -11.50
CA ILE A 100 8.92 5.73 -12.51
C ILE A 100 8.62 5.17 -13.89
N SER A 101 8.23 6.07 -14.81
CA SER A 101 8.13 5.76 -16.23
C SER A 101 8.97 6.78 -16.99
N ASN A 102 9.06 6.59 -18.31
CA ASN A 102 9.83 7.52 -19.13
C ASN A 102 9.24 8.92 -19.11
N GLU A 103 7.97 9.06 -18.73
CA GLU A 103 7.29 10.34 -18.70
C GLU A 103 7.28 10.97 -17.32
N SER A 104 7.84 10.31 -16.31
CA SER A 104 7.74 10.80 -14.95
C SER A 104 8.50 12.10 -14.75
N TYR A 105 9.71 12.20 -15.29
CA TYR A 105 10.53 13.39 -15.08
C TYR A 105 9.88 14.63 -15.68
N THR A 106 9.31 14.51 -16.88
CA THR A 106 8.69 15.67 -17.51
C THR A 106 7.41 16.07 -16.79
N CYS A 107 6.63 15.09 -16.32
CA CYS A 107 5.43 15.40 -15.55
C CYS A 107 5.76 16.14 -14.26
N ALA A 108 6.86 15.76 -13.61
CA ALA A 108 7.28 16.46 -12.40
C ALA A 108 7.75 17.87 -12.73
N LEU A 109 8.42 18.06 -13.87
CA LEU A 109 8.77 19.41 -14.30
C LEU A 109 7.52 20.23 -14.56
N LEU A 110 6.52 19.64 -15.22
CA LEU A 110 5.28 20.36 -15.50
C LEU A 110 4.56 20.74 -14.22
N ALA A 111 4.55 19.84 -13.23
CA ALA A 111 3.89 20.13 -11.96
C ALA A 111 4.50 21.37 -11.30
N ALA A 112 5.83 21.41 -11.23
CA ALA A 112 6.50 22.54 -10.61
C ALA A 112 6.38 23.80 -11.46
N GLY A 113 6.60 23.67 -12.77
CA GLY A 113 6.52 24.83 -13.64
C GLY A 113 5.13 25.44 -13.66
N SER A 114 4.09 24.59 -13.61
CA SER A 114 2.73 25.08 -13.49
C SER A 114 2.56 25.95 -12.25
N CYS A 115 3.18 25.53 -11.14
CA CYS A 115 3.04 26.27 -9.90
C CYS A 115 3.88 27.55 -9.89
N PHE A 116 5.01 27.55 -10.60
CA PHE A 116 5.78 28.78 -10.75
C PHE A 116 4.98 29.82 -11.54
N ASN A 117 4.37 29.40 -12.65
CA ASN A 117 3.55 30.32 -13.44
C ASN A 117 2.37 30.84 -12.64
N SER A 118 1.79 30.00 -11.77
CA SER A 118 0.66 30.44 -10.97
C SER A 118 1.10 31.41 -9.88
N ALA A 119 2.23 31.12 -9.23
CA ALA A 119 2.74 32.04 -8.22
C ALA A 119 3.12 33.38 -8.84
N GLN A 120 3.70 33.36 -10.05
CA GLN A 120 4.02 34.60 -10.73
C GLN A 120 2.76 35.39 -11.06
N ALA A 121 1.71 34.70 -11.53
CA ALA A 121 0.46 35.37 -11.82
C ALA A 121 -0.13 36.01 -10.56
N ILE A 122 0.02 35.35 -9.42
CA ILE A 122 -0.50 35.89 -8.17
C ILE A 122 0.32 37.09 -7.73
N LEU A 123 1.65 36.96 -7.77
CA LEU A 123 2.52 38.00 -7.23
C LEU A 123 2.62 39.23 -8.13
N THR A 124 2.32 39.10 -9.41
CA THR A 124 2.32 40.24 -10.32
C THR A 124 0.92 40.79 -10.56
N GLY A 125 -0.08 40.32 -9.82
CA GLY A 125 -1.40 40.89 -9.86
C GLY A 125 -2.27 40.45 -11.02
N GLN A 126 -1.86 39.44 -11.79
CA GLN A 126 -2.72 38.97 -12.87
C GLN A 126 -3.97 38.30 -12.33
N VAL A 127 -3.83 37.50 -11.27
CA VAL A 127 -4.96 36.92 -10.56
C VAL A 127 -4.80 37.21 -9.07
N ARG A 128 -5.89 37.00 -8.32
CA ARG A 128 -5.84 37.15 -6.87
C ARG A 128 -5.34 35.88 -6.21
N ASN A 129 -5.81 34.72 -6.68
CA ASN A 129 -5.45 33.43 -6.14
C ASN A 129 -5.47 32.42 -7.28
N ALA A 130 -5.07 31.19 -6.98
CA ALA A 130 -4.96 30.21 -8.06
C ALA A 130 -5.11 28.80 -7.50
N VAL A 131 -5.46 27.88 -8.40
CA VAL A 131 -5.54 26.46 -8.10
C VAL A 131 -4.69 25.72 -9.13
N ALA A 132 -3.95 24.71 -8.67
CA ALA A 132 -3.05 23.93 -9.52
C ALA A 132 -3.46 22.46 -9.44
N ILE A 133 -4.00 21.94 -10.54
CA ILE A 133 -4.43 20.54 -10.63
C ILE A 133 -3.26 19.80 -11.26
N VAL A 134 -2.34 19.33 -10.41
CA VAL A 134 -1.06 18.81 -10.88
C VAL A 134 -0.80 17.44 -10.27
N ARG A 135 0.02 16.67 -10.96
CA ARG A 135 0.58 15.41 -10.46
C ARG A 135 1.87 15.15 -11.23
N PRO A 136 2.80 14.38 -10.64
CA PRO A 136 2.80 13.73 -9.33
C PRO A 136 2.89 14.71 -8.17
N PRO A 137 2.56 14.27 -6.95
CA PRO A 137 2.67 15.17 -5.79
C PRO A 137 4.12 15.46 -5.42
N GLY A 138 4.35 16.25 -4.38
CA GLY A 138 5.70 16.71 -4.13
C GLY A 138 6.18 16.79 -2.70
N HIS A 139 5.28 16.77 -1.71
CA HIS A 139 5.69 17.19 -0.36
C HIS A 139 6.54 16.15 0.37
N HIS A 140 6.67 14.93 -0.14
CA HIS A 140 7.61 13.97 0.43
C HIS A 140 9.00 14.07 -0.16
N ALA A 141 9.17 14.81 -1.25
CA ALA A 141 10.47 14.89 -1.90
C ALA A 141 11.47 15.67 -1.06
N GLU A 142 12.61 15.06 -0.78
CA GLU A 142 13.67 15.69 -0.02
C GLU A 142 14.65 16.38 -0.97
N LYS A 143 15.59 17.13 -0.38
CA LYS A 143 16.61 17.79 -1.18
C LYS A 143 17.36 16.80 -2.07
N ASP A 144 17.53 15.56 -1.61
CA ASP A 144 18.45 14.63 -2.24
C ASP A 144 17.80 13.31 -2.64
N THR A 145 16.48 13.17 -2.50
CA THR A 145 15.88 11.87 -2.77
C THR A 145 14.38 12.02 -3.04
N ALA A 146 13.84 11.06 -3.77
CA ALA A 146 12.41 10.93 -3.99
C ALA A 146 11.80 10.01 -2.94
N CYS A 147 10.50 10.19 -2.70
CA CYS A 147 9.82 9.41 -1.68
C CYS A 147 8.32 9.60 -1.81
N GLY A 148 7.58 8.56 -1.44
CA GLY A 148 6.13 8.62 -1.32
C GLY A 148 5.38 9.23 -2.48
N PHE A 149 5.66 8.76 -3.69
CA PHE A 149 5.07 9.14 -4.97
C PHE A 149 5.56 10.51 -5.44
N CYS A 150 6.51 11.12 -4.74
CA CYS A 150 6.97 12.48 -5.04
C CYS A 150 8.41 12.46 -5.53
N PHE A 151 8.70 13.29 -6.53
CA PHE A 151 10.04 13.42 -7.09
C PHE A 151 10.70 14.73 -6.75
N PHE A 152 10.02 15.84 -7.00
CA PHE A 152 10.49 17.17 -6.60
C PHE A 152 9.43 17.82 -5.73
N ASN A 153 9.88 18.67 -4.80
CA ASN A 153 8.98 19.28 -3.83
C ASN A 153 8.39 20.53 -4.45
N THR A 154 7.28 20.34 -5.17
CA THR A 154 6.64 21.43 -5.91
C THR A 154 6.35 22.63 -5.02
N ALA A 155 5.81 22.38 -3.82
CA ALA A 155 5.46 23.48 -2.92
C ALA A 155 6.71 24.20 -2.44
N ALA A 156 7.73 23.45 -2.02
CA ALA A 156 8.96 24.07 -1.56
C ALA A 156 9.64 24.86 -2.68
N LEU A 157 9.68 24.30 -3.88
CA LEU A 157 10.26 25.00 -5.01
C LEU A 157 9.49 26.29 -5.31
N THR A 158 8.17 26.24 -5.17
CA THR A 158 7.35 27.42 -5.47
C THR A 158 7.62 28.55 -4.48
N ALA A 159 7.83 28.21 -3.20
CA ALA A 159 8.15 29.23 -2.21
C ALA A 159 9.48 29.90 -2.53
N ARG A 160 10.49 29.12 -2.90
CA ARG A 160 11.78 29.70 -3.27
C ARG A 160 11.67 30.49 -4.56
N TYR A 161 10.94 29.96 -5.55
CA TYR A 161 10.72 30.73 -6.78
C TYR A 161 10.03 32.06 -6.48
N ALA A 162 9.04 32.03 -5.59
CA ALA A 162 8.34 33.27 -5.23
C ALA A 162 9.31 34.28 -4.65
N GLN A 163 10.18 33.83 -3.75
CA GLN A 163 11.18 34.73 -3.18
C GLN A 163 12.17 35.22 -4.24
N SER A 164 12.44 34.42 -5.26
CA SER A 164 13.41 34.79 -6.26
C SER A 164 12.94 35.93 -7.16
N ILE A 165 11.63 36.21 -7.19
CA ILE A 165 11.09 37.27 -8.05
C ILE A 165 10.52 38.43 -7.25
N THR A 166 10.65 38.43 -5.92
CA THR A 166 10.15 39.54 -5.11
C THR A 166 11.25 40.05 -4.19
N ARG A 167 11.47 39.37 -3.07
CA ARG A 167 12.67 39.57 -2.28
C ARG A 167 12.94 38.31 -1.48
N GLU A 168 14.21 38.12 -1.14
CA GLU A 168 14.65 36.91 -0.47
C GLU A 168 13.88 36.64 0.82
N SER A 169 13.50 37.69 1.54
CA SER A 169 12.83 37.56 2.83
C SER A 169 11.32 37.57 2.73
N LEU A 170 10.75 37.33 1.55
CA LEU A 170 9.30 37.24 1.40
C LEU A 170 8.75 36.16 2.33
N ARG A 171 7.84 36.54 3.22
CA ARG A 171 7.27 35.60 4.18
C ARG A 171 6.24 34.73 3.48
N VAL A 172 6.53 33.44 3.37
CA VAL A 172 5.66 32.48 2.69
C VAL A 172 5.15 31.48 3.73
N LEU A 173 3.84 31.28 3.73
CA LEU A 173 3.22 30.27 4.58
C LEU A 173 2.85 29.06 3.72
N ILE A 174 3.31 27.88 4.14
CA ILE A 174 2.93 26.62 3.50
C ILE A 174 2.06 25.86 4.48
N VAL A 175 0.80 25.67 4.12
CA VAL A 175 -0.14 24.87 4.90
C VAL A 175 -0.33 23.54 4.18
N ASP A 176 0.01 22.46 4.87
CA ASP A 176 -0.01 21.12 4.29
C ASP A 176 -1.13 20.34 4.98
N TRP A 177 -2.30 20.30 4.36
CA TRP A 177 -3.43 19.58 4.95
C TRP A 177 -3.64 18.22 4.31
N ASP A 178 -2.70 17.78 3.46
CA ASP A 178 -2.61 16.39 3.08
C ASP A 178 -2.55 15.51 4.33
N VAL A 179 -3.13 14.30 4.25
CA VAL A 179 -3.21 13.48 5.44
C VAL A 179 -1.83 12.99 5.89
N HIS A 180 -0.85 13.00 5.00
CA HIS A 180 0.51 12.59 5.33
C HIS A 180 1.37 13.81 5.62
N HIS A 181 2.36 13.61 6.49
CA HIS A 181 3.28 14.69 6.83
C HIS A 181 4.19 15.01 5.65
N GLY A 182 4.35 16.31 5.36
CA GLY A 182 5.26 16.72 4.32
C GLY A 182 6.70 16.74 4.81
N ASN A 183 7.30 15.56 4.90
CA ASN A 183 8.65 15.44 5.47
C ASN A 183 9.66 16.26 4.67
N GLY A 184 9.55 16.23 3.33
CA GLY A 184 10.48 17.00 2.52
C GLY A 184 10.34 18.49 2.75
N THR A 185 9.11 18.98 2.80
CA THR A 185 8.88 20.41 3.01
C THR A 185 9.42 20.87 4.35
N GLN A 186 9.23 20.07 5.40
CA GLN A 186 9.75 20.43 6.72
C GLN A 186 11.27 20.55 6.70
N HIS A 187 11.96 19.54 6.16
CA HIS A 187 13.41 19.53 6.20
C HIS A 187 14.02 20.65 5.37
N ILE A 188 13.41 20.96 4.21
CA ILE A 188 13.96 22.00 3.35
C ILE A 188 13.96 23.35 4.06
N PHE A 189 12.93 23.62 4.84
CA PHE A 189 12.77 24.93 5.48
C PHE A 189 13.03 24.90 6.98
N GLU A 190 13.60 23.82 7.52
CA GLU A 190 13.61 23.65 8.98
C GLU A 190 14.41 24.73 9.68
N GLU A 191 15.47 25.23 9.06
CA GLU A 191 16.29 26.28 9.65
C GLU A 191 15.91 27.67 9.17
N ASP A 192 14.77 27.82 8.50
CA ASP A 192 14.39 29.04 7.81
C ASP A 192 13.21 29.69 8.52
N ASP A 193 13.30 30.99 8.77
CA ASP A 193 12.20 31.74 9.35
C ASP A 193 11.43 32.56 8.31
N SER A 194 11.82 32.50 7.03
CA SER A 194 11.08 33.17 5.98
C SER A 194 9.97 32.31 5.41
N VAL A 195 9.99 31.01 5.66
CA VAL A 195 8.94 30.10 5.22
C VAL A 195 8.41 29.38 6.45
N LEU A 196 7.14 29.61 6.77
CA LEU A 196 6.48 28.97 7.89
C LEU A 196 5.74 27.74 7.39
N TYR A 197 6.06 26.58 7.95
CA TYR A 197 5.47 25.31 7.53
C TYR A 197 4.53 24.81 8.63
N ILE A 198 3.27 24.64 8.29
CA ILE A 198 2.26 24.08 9.19
C ILE A 198 1.66 22.85 8.53
N SER A 199 1.69 21.72 9.23
CA SER A 199 1.19 20.46 8.69
C SER A 199 0.22 19.81 9.66
N LEU A 200 -0.95 19.43 9.16
CA LEU A 200 -1.88 18.53 9.83
C LEU A 200 -1.69 17.15 9.22
N HIS A 201 -1.51 16.13 10.05
CA HIS A 201 -1.24 14.82 9.49
C HIS A 201 -1.58 13.71 10.47
N ARG A 202 -2.15 12.63 9.94
CA ARG A 202 -2.30 11.41 10.73
C ARG A 202 -0.93 10.88 11.11
N TYR A 203 -0.74 10.63 12.40
CA TYR A 203 0.58 10.32 12.93
C TYR A 203 0.65 8.94 13.57
N GLU A 204 -0.33 8.60 14.41
CA GLU A 204 -0.39 7.31 15.10
C GLU A 204 0.94 6.98 15.79
N ASP A 205 1.47 7.99 16.50
CA ASP A 205 2.69 7.84 17.28
C ASP A 205 3.87 7.38 16.44
N GLY A 206 3.92 7.82 15.18
CA GLY A 206 4.96 7.42 14.27
C GLY A 206 4.66 6.18 13.44
N ALA A 207 3.46 5.61 13.58
CA ALA A 207 3.07 4.45 12.80
C ALA A 207 2.11 4.85 11.69
N PHE A 208 2.59 5.68 10.77
CA PHE A 208 1.85 6.08 9.57
C PHE A 208 2.85 6.78 8.66
N PHE A 209 2.70 6.53 7.35
CA PHE A 209 3.68 7.03 6.40
C PHE A 209 3.86 8.53 6.55
N PRO A 210 5.10 9.05 6.50
CA PRO A 210 6.35 8.30 6.28
C PRO A 210 7.06 7.70 7.51
N ASN A 211 6.32 7.39 8.57
CA ASN A 211 6.78 6.57 9.69
C ASN A 211 8.08 7.10 10.31
N SER A 212 8.03 8.35 10.77
CA SER A 212 9.17 8.94 11.45
C SER A 212 8.66 9.88 12.54
N GLU A 213 9.51 10.13 13.53
CA GLU A 213 9.12 11.03 14.60
C GLU A 213 9.38 12.49 14.27
N ASP A 214 9.91 12.77 13.07
CA ASP A 214 10.04 14.14 12.61
C ASP A 214 8.71 14.86 12.52
N ALA A 215 7.61 14.12 12.42
CA ALA A 215 6.28 14.71 12.27
C ALA A 215 5.59 14.97 13.60
N ASN A 216 6.24 14.67 14.72
CA ASN A 216 5.62 14.91 16.00
C ASN A 216 5.64 16.41 16.32
N TYR A 217 4.83 16.79 17.32
CA TYR A 217 4.64 18.20 17.63
C TYR A 217 5.90 18.85 18.21
N ASP A 218 6.82 18.07 18.76
CA ASP A 218 7.99 18.66 19.42
C ASP A 218 9.07 19.11 18.44
N LYS A 219 8.91 18.86 17.14
CA LYS A 219 9.84 19.36 16.13
C LYS A 219 9.34 20.74 15.72
N VAL A 220 9.94 21.79 16.29
CA VAL A 220 9.47 23.16 16.15
C VAL A 220 10.33 23.98 15.20
N GLY A 221 11.37 23.39 14.62
CA GLY A 221 12.33 24.13 13.81
C GLY A 221 13.66 24.28 14.50
N LEU A 222 14.64 24.77 13.74
CA LEU A 222 16.02 24.84 14.18
C LEU A 222 16.61 26.21 13.86
N GLY A 223 17.46 26.71 14.77
CA GLY A 223 18.17 27.95 14.53
C GLY A 223 17.23 29.12 14.39
N LYS A 224 17.44 29.94 13.37
CA LYS A 224 16.48 30.99 13.05
C LYS A 224 15.08 30.43 12.81
N GLY A 225 14.98 29.16 12.41
CA GLY A 225 13.71 28.52 12.16
C GLY A 225 12.97 28.01 13.36
N ARG A 226 13.48 28.22 14.57
CA ARG A 226 12.78 27.78 15.77
C ARG A 226 11.46 28.53 15.90
N GLY A 227 10.37 27.77 15.97
CA GLY A 227 9.03 28.32 15.98
C GLY A 227 8.34 28.34 14.63
N TYR A 228 9.08 28.09 13.54
CA TYR A 228 8.54 28.22 12.20
C TYR A 228 8.27 26.86 11.54
N ASN A 229 8.20 25.81 12.34
CA ASN A 229 7.74 24.50 11.88
C ASN A 229 6.70 24.01 12.88
N VAL A 230 5.47 23.83 12.42
CA VAL A 230 4.34 23.50 13.28
C VAL A 230 3.75 22.18 12.82
N ASN A 231 3.96 21.12 13.60
CA ASN A 231 3.41 19.81 13.31
C ASN A 231 2.19 19.55 14.19
N ILE A 232 1.06 19.25 13.56
CA ILE A 232 -0.18 18.93 14.26
C ILE A 232 -0.48 17.45 14.03
N PRO A 233 -0.02 16.56 14.92
CA PRO A 233 -0.16 15.12 14.66
C PRO A 233 -1.42 14.51 15.26
N TRP A 234 -2.18 13.78 14.45
CA TRP A 234 -3.39 13.12 14.92
C TRP A 234 -3.08 11.69 15.33
N ASN A 235 -3.61 11.27 16.47
CA ASN A 235 -3.39 9.92 16.98
C ASN A 235 -4.71 9.32 17.43
N GLY A 236 -4.86 8.01 17.18
CA GLY A 236 -5.98 7.23 17.70
C GLY A 236 -7.36 7.82 17.50
N GLY A 237 -7.78 7.94 16.25
CA GLY A 237 -9.08 8.50 15.94
C GLY A 237 -9.22 8.87 14.48
N LYS A 238 -10.42 8.74 13.94
CA LYS A 238 -10.70 9.08 12.54
C LYS A 238 -11.16 10.53 12.50
N MET A 239 -10.21 11.44 12.29
CA MET A 239 -10.50 12.87 12.39
C MET A 239 -11.33 13.34 11.19
N GLY A 240 -12.04 14.45 11.41
CA GLY A 240 -12.86 15.03 10.38
C GLY A 240 -13.02 16.54 10.54
N ASP A 241 -14.13 17.08 10.04
CA ASP A 241 -14.36 18.52 10.08
C ASP A 241 -14.22 19.13 11.48
N PRO A 242 -14.82 18.58 12.54
CA PRO A 242 -14.64 19.21 13.86
C PRO A 242 -13.18 19.32 14.28
N GLU A 243 -12.42 18.24 14.12
CA GLU A 243 -11.02 18.27 14.55
C GLU A 243 -10.20 19.25 13.72
N TYR A 244 -10.45 19.33 12.42
CA TYR A 244 -9.68 20.23 11.58
C TYR A 244 -10.08 21.68 11.80
N MET A 245 -11.38 21.94 12.01
CA MET A 245 -11.81 23.30 12.33
C MET A 245 -11.23 23.75 13.67
N ALA A 246 -11.18 22.84 14.65
CA ALA A 246 -10.61 23.19 15.95
C ALA A 246 -9.13 23.48 15.84
N ALA A 247 -8.40 22.67 15.06
CA ALA A 247 -6.97 22.92 14.87
C ALA A 247 -6.74 24.24 14.17
N PHE A 248 -7.60 24.60 13.22
CA PHE A 248 -7.46 25.88 12.53
C PHE A 248 -7.75 27.05 13.48
N HIS A 249 -8.74 26.90 14.35
CA HIS A 249 -9.10 28.00 15.23
C HIS A 249 -8.05 28.23 16.32
N HIS A 250 -7.53 27.14 16.89
CA HIS A 250 -6.65 27.26 18.05
C HIS A 250 -5.18 27.33 17.68
N LEU A 251 -4.79 26.93 16.46
CA LEU A 251 -3.38 26.84 16.12
C LEU A 251 -3.05 27.51 14.78
N VAL A 252 -3.64 27.02 13.70
CA VAL A 252 -3.18 27.41 12.36
C VAL A 252 -3.39 28.89 12.12
N MET A 253 -4.61 29.39 12.34
CA MET A 253 -4.89 30.79 12.04
C MET A 253 -4.24 31.76 13.03
N PRO A 254 -4.24 31.49 14.34
CA PRO A 254 -3.52 32.40 15.26
C PRO A 254 -2.05 32.55 14.91
N ILE A 255 -1.35 31.44 14.65
CA ILE A 255 0.06 31.52 14.27
C ILE A 255 0.22 32.19 12.92
N ALA A 256 -0.64 31.83 11.95
CA ALA A 256 -0.51 32.40 10.62
C ALA A 256 -0.72 33.91 10.63
N ARG A 257 -1.69 34.40 11.40
N ARG A 257 -1.70 34.40 11.40
CA ARG A 257 -1.94 35.83 11.46
CA ARG A 257 -1.94 35.83 11.46
C ARG A 257 -0.76 36.58 12.09
C ARG A 257 -0.74 36.56 12.06
N GLU A 258 -0.11 35.97 13.08
CA GLU A 258 1.06 36.59 13.68
C GLU A 258 2.26 36.55 12.75
N PHE A 259 2.38 35.50 11.94
CA PHE A 259 3.45 35.42 10.96
C PHE A 259 3.30 36.45 9.86
N ALA A 260 2.05 36.83 9.54
CA ALA A 260 1.75 37.80 8.50
C ALA A 260 2.38 37.41 7.16
N PRO A 261 1.99 36.29 6.57
CA PRO A 261 2.58 35.89 5.29
C PRO A 261 2.22 36.85 4.18
N GLU A 262 3.11 36.93 3.20
CA GLU A 262 2.86 37.66 1.97
C GLU A 262 2.45 36.74 0.83
N LEU A 263 2.45 35.43 1.07
CA LEU A 263 2.02 34.44 0.10
C LEU A 263 1.67 33.18 0.87
N VAL A 264 0.58 32.54 0.50
CA VAL A 264 0.13 31.30 1.12
C VAL A 264 0.11 30.22 0.05
N LEU A 265 0.87 29.15 0.30
CA LEU A 265 0.85 27.95 -0.52
C LEU A 265 0.19 26.83 0.26
N VAL A 266 -0.79 26.17 -0.33
CA VAL A 266 -1.47 25.06 0.31
C VAL A 266 -1.00 23.78 -0.37
N SER A 267 -0.27 22.94 0.36
CA SER A 267 -0.08 21.57 -0.09
C SER A 267 -1.40 20.85 0.11
N ALA A 268 -2.26 20.90 -0.90
CA ALA A 268 -3.66 20.50 -0.77
C ALA A 268 -3.82 19.07 -1.26
N GLY A 269 -3.40 18.13 -0.41
CA GLY A 269 -3.80 16.76 -0.58
C GLY A 269 -5.20 16.56 -0.04
N PHE A 270 -5.95 15.67 -0.69
CA PHE A 270 -7.31 15.38 -0.27
C PHE A 270 -7.47 13.92 0.14
N ASP A 271 -6.41 13.35 0.73
CA ASP A 271 -6.47 11.99 1.25
C ASP A 271 -6.91 11.93 2.70
N ALA A 272 -7.15 13.08 3.33
CA ALA A 272 -7.89 13.11 4.59
C ALA A 272 -9.39 13.20 4.37
N ALA A 273 -9.83 13.16 3.11
CA ALA A 273 -11.23 13.30 2.79
C ALA A 273 -12.00 12.03 3.16
N ARG A 274 -13.30 12.21 3.39
CA ARG A 274 -14.19 11.08 3.60
C ARG A 274 -14.25 10.24 2.33
N GLY A 275 -13.95 8.95 2.47
CA GLY A 275 -13.95 8.03 1.35
C GLY A 275 -12.58 7.69 0.79
N ASP A 276 -11.51 8.29 1.29
CA ASP A 276 -10.20 8.02 0.74
C ASP A 276 -9.69 6.66 1.22
N PRO A 277 -9.20 5.80 0.32
CA PRO A 277 -8.78 4.47 0.73
C PRO A 277 -7.47 4.44 1.51
N LEU A 278 -6.66 5.50 1.45
CA LEU A 278 -5.39 5.54 2.16
C LEU A 278 -5.46 6.28 3.49
N GLY A 279 -6.21 7.38 3.56
CA GLY A 279 -6.21 8.22 4.73
C GLY A 279 -7.05 7.72 5.89
N GLY A 280 -8.26 7.24 5.60
CA GLY A 280 -9.15 6.76 6.65
C GLY A 280 -9.81 7.83 7.48
N PHE A 281 -9.73 9.10 7.09
CA PHE A 281 -10.36 10.18 7.80
C PHE A 281 -11.69 10.54 7.11
N GLN A 282 -12.36 11.58 7.61
CA GLN A 282 -13.70 11.90 7.12
C GLN A 282 -13.91 13.40 6.99
N VAL A 283 -12.87 14.13 6.55
CA VAL A 283 -13.07 15.53 6.17
C VAL A 283 -14.01 15.59 4.98
N THR A 284 -15.03 16.45 5.06
CA THR A 284 -16.02 16.55 4.00
C THR A 284 -15.61 17.61 3.00
N PRO A 285 -16.24 17.62 1.80
CA PRO A 285 -15.94 18.70 0.85
C PRO A 285 -16.25 20.07 1.41
N GLU A 286 -17.33 20.19 2.18
CA GLU A 286 -17.65 21.47 2.83
C GLU A 286 -16.61 21.83 3.87
N GLY A 287 -16.01 20.84 4.52
CA GLY A 287 -14.92 21.13 5.44
C GLY A 287 -13.72 21.73 4.74
N TYR A 288 -13.32 21.16 3.60
CA TYR A 288 -12.24 21.74 2.81
C TYR A 288 -12.58 23.15 2.36
N ALA A 289 -13.86 23.40 2.04
CA ALA A 289 -14.27 24.75 1.67
C ALA A 289 -14.02 25.72 2.82
N HIS A 290 -14.32 25.31 4.05
CA HIS A 290 -14.13 26.20 5.18
C HIS A 290 -12.65 26.41 5.48
N LEU A 291 -11.82 25.37 5.32
CA LEU A 291 -10.38 25.54 5.49
C LEU A 291 -9.83 26.52 4.45
N THR A 292 -10.25 26.37 3.19
CA THR A 292 -9.83 27.31 2.16
C THR A 292 -10.29 28.73 2.49
N HIS A 293 -11.55 28.88 2.91
CA HIS A 293 -12.10 30.19 3.20
C HIS A 293 -11.28 30.92 4.27
N GLN A 294 -10.81 30.18 5.29
CA GLN A 294 -10.06 30.82 6.35
C GLN A 294 -8.68 31.26 5.87
N LEU A 295 -8.00 30.43 5.08
CA LEU A 295 -6.68 30.82 4.59
C LEU A 295 -6.76 32.01 3.65
N MET A 296 -7.91 32.21 3.00
CA MET A 296 -8.09 33.35 2.11
C MET A 296 -8.02 34.68 2.84
N SER A 297 -8.22 34.69 4.16
CA SER A 297 -8.10 35.93 4.92
C SER A 297 -6.65 36.35 5.12
N LEU A 298 -5.69 35.54 4.71
CA LEU A 298 -4.28 35.81 4.90
C LEU A 298 -3.64 36.35 3.62
N ALA A 299 -2.51 37.04 3.80
CA ALA A 299 -1.62 37.42 2.70
C ALA A 299 -2.34 38.22 1.61
N ALA A 300 -3.30 39.04 2.03
CA ALA A 300 -4.12 39.83 1.11
C ALA A 300 -4.80 38.95 0.06
N GLY A 301 -5.16 37.72 0.46
CA GLY A 301 -5.85 36.80 -0.42
C GLY A 301 -4.97 36.05 -1.40
N ARG A 302 -3.65 36.25 -1.35
CA ARG A 302 -2.73 35.60 -2.28
C ARG A 302 -2.50 34.17 -1.83
N VAL A 303 -3.33 33.26 -2.35
CA VAL A 303 -3.34 31.85 -1.95
C VAL A 303 -3.23 30.99 -3.21
N LEU A 304 -2.32 30.03 -3.19
CA LEU A 304 -2.16 29.06 -4.27
C LEU A 304 -2.42 27.66 -3.72
N ILE A 305 -3.39 26.97 -4.31
CA ILE A 305 -3.81 25.65 -3.87
C ILE A 305 -3.20 24.62 -4.81
N ILE A 306 -2.25 23.83 -4.29
CA ILE A 306 -1.49 22.86 -5.07
C ILE A 306 -1.97 21.46 -4.69
N LEU A 307 -2.45 20.71 -5.67
CA LEU A 307 -2.90 19.35 -5.40
C LEU A 307 -1.71 18.50 -4.97
N GLU A 308 -1.92 17.73 -3.90
CA GLU A 308 -0.94 16.74 -3.46
C GLU A 308 -1.56 15.36 -3.60
N GLY A 309 -1.87 14.71 -2.47
CA GLY A 309 -2.48 13.40 -2.46
C GLY A 309 -3.98 13.47 -2.56
N GLY A 310 -4.61 12.31 -2.30
CA GLY A 310 -6.05 12.16 -2.45
C GLY A 310 -6.37 11.17 -3.54
N TYR A 311 -7.06 10.08 -3.19
CA TYR A 311 -7.13 8.92 -4.07
C TYR A 311 -8.52 8.36 -4.28
N ASN A 312 -9.55 8.93 -3.65
CA ASN A 312 -10.93 8.66 -4.03
C ASN A 312 -11.31 9.68 -5.09
N LEU A 313 -11.53 9.22 -6.32
CA LEU A 313 -11.73 10.13 -7.44
C LEU A 313 -12.94 11.03 -7.24
N THR A 314 -14.02 10.48 -6.67
CA THR A 314 -15.20 11.31 -6.40
C THR A 314 -14.93 12.28 -5.25
N SER A 315 -14.23 11.83 -4.21
CA SER A 315 -13.96 12.71 -3.07
C SER A 315 -13.06 13.87 -3.47
N ILE A 316 -12.00 13.61 -4.26
CA ILE A 316 -11.08 14.68 -4.60
C ILE A 316 -11.69 15.64 -5.61
N SER A 317 -12.57 15.14 -6.49
CA SER A 317 -13.20 16.03 -7.45
C SER A 317 -14.16 17.00 -6.76
N GLU A 318 -14.98 16.49 -5.83
CA GLU A 318 -15.89 17.36 -5.11
C GLU A 318 -15.13 18.26 -4.14
N SER A 319 -14.06 17.75 -3.53
CA SER A 319 -13.34 18.52 -2.53
C SER A 319 -12.55 19.65 -3.16
N MET A 320 -11.81 19.37 -4.24
CA MET A 320 -11.00 20.42 -4.84
C MET A 320 -11.86 21.44 -5.57
N SER A 321 -12.99 21.02 -6.14
CA SER A 321 -13.90 21.98 -6.76
CA SER A 321 -13.89 21.98 -6.76
C SER A 321 -14.52 22.90 -5.73
N MET A 322 -14.76 22.39 -4.51
CA MET A 322 -15.24 23.24 -3.43
C MET A 322 -14.23 24.34 -3.11
N CYS A 323 -12.95 23.99 -3.09
CA CYS A 323 -11.92 24.97 -2.79
C CYS A 323 -11.85 26.05 -3.86
N THR A 324 -11.90 25.65 -5.14
CA THR A 324 -11.92 26.64 -6.21
C THR A 324 -13.16 27.51 -6.15
N SER A 325 -14.30 26.94 -5.74
CA SER A 325 -15.51 27.74 -5.55
C SER A 325 -15.28 28.82 -4.50
N MET A 326 -14.63 28.46 -3.39
CA MET A 326 -14.30 29.46 -2.37
C MET A 326 -13.36 30.51 -2.91
N LEU A 327 -12.34 30.09 -3.68
CA LEU A 327 -11.39 31.04 -4.25
C LEU A 327 -12.08 32.05 -5.14
N LEU A 328 -13.12 31.64 -5.86
CA LEU A 328 -13.86 32.53 -6.74
C LEU A 328 -14.78 33.49 -5.97
N GLY A 329 -14.95 33.30 -4.66
CA GLY A 329 -15.75 34.19 -3.85
C GLY A 329 -17.09 33.66 -3.44
N ASP A 330 -17.43 32.42 -3.77
CA ASP A 330 -18.72 31.86 -3.40
C ASP A 330 -18.79 31.66 -1.88
N SER A 331 -20.00 31.77 -1.35
CA SER A 331 -20.18 31.73 0.09
C SER A 331 -19.94 30.32 0.63
N PRO A 332 -19.29 30.20 1.78
CA PRO A 332 -18.98 28.87 2.33
C PRO A 332 -20.26 28.12 2.69
N PRO A 333 -20.38 26.87 2.26
CA PRO A 333 -21.58 26.10 2.57
C PRO A 333 -21.62 25.72 4.04
N SER A 334 -22.83 25.45 4.52
CA SER A 334 -23.04 25.13 5.93
C SER A 334 -22.37 23.81 6.30
N LEU A 335 -21.92 23.72 7.55
CA LEU A 335 -21.21 22.56 8.07
C LEU A 335 -22.14 21.80 9.01
N ASP A 336 -22.29 20.49 8.78
CA ASP A 336 -23.09 19.65 9.65
C ASP A 336 -22.26 19.18 10.84
N THR A 339 -20.33 17.11 15.58
CA THR A 339 -19.66 16.13 16.43
C THR A 339 -18.66 16.79 17.36
N PRO A 340 -18.77 16.52 18.65
CA PRO A 340 -17.74 17.00 19.59
C PRO A 340 -16.39 16.40 19.29
N LEU A 341 -15.34 17.16 19.58
CA LEU A 341 -14.00 16.79 19.16
C LEU A 341 -13.52 15.51 19.86
N LYS A 342 -12.90 14.63 19.08
CA LYS A 342 -12.26 13.45 19.64
C LYS A 342 -11.24 13.85 20.69
N THR A 343 -11.21 13.12 21.80
CA THR A 343 -10.34 13.47 22.91
C THR A 343 -8.88 13.53 22.49
N SER A 344 -8.43 12.51 21.75
CA SER A 344 -7.02 12.49 21.33
C SER A 344 -6.70 13.68 20.42
N ALA A 345 -7.69 14.20 19.70
CA ALA A 345 -7.48 15.40 18.91
C ALA A 345 -7.25 16.61 19.81
N THR A 346 -8.09 16.77 20.83
CA THR A 346 -7.85 17.82 21.82
C THR A 346 -6.48 17.66 22.46
N VAL A 347 -6.10 16.43 22.80
CA VAL A 347 -4.78 16.18 23.37
C VAL A 347 -3.70 16.61 22.39
N SER A 348 -3.88 16.31 21.11
CA SER A 348 -2.91 16.73 20.11
C SER A 348 -2.82 18.26 20.03
N ILE A 349 -3.97 18.92 19.89
CA ILE A 349 -3.98 20.37 19.77
C ILE A 349 -3.31 21.01 20.99
N ASN A 350 -3.58 20.48 22.18
CA ASN A 350 -2.99 21.05 23.39
C ASN A 350 -1.50 20.75 23.51
N ASN A 351 -1.05 19.63 22.92
CA ASN A 351 0.39 19.36 22.90
C ASN A 351 1.12 20.33 21.97
N VAL A 352 0.48 20.69 20.85
CA VAL A 352 1.09 21.64 19.93
C VAL A 352 1.14 23.03 20.55
N LEU A 353 0.04 23.44 21.20
CA LEU A 353 0.00 24.73 21.90
C LEU A 353 1.16 24.86 22.87
N ARG A 354 1.39 23.84 23.68
CA ARG A 354 2.46 23.90 24.67
C ARG A 354 3.83 23.98 24.00
N ALA A 355 4.00 23.28 22.88
CA ALA A 355 5.28 23.30 22.19
C ALA A 355 5.60 24.66 21.59
N HIS A 356 4.59 25.38 21.09
CA HIS A 356 4.82 26.60 20.35
C HIS A 356 4.48 27.87 21.09
N ALA A 357 3.86 27.77 22.27
CA ALA A 357 3.62 28.95 23.11
C ALA A 357 4.86 29.81 23.32
N PRO A 358 6.06 29.26 23.56
CA PRO A 358 7.23 30.14 23.72
C PRO A 358 7.53 31.00 22.52
N PHE A 359 7.09 30.62 21.32
CA PHE A 359 7.50 31.30 20.10
C PHE A 359 6.44 32.24 19.53
N TRP A 360 5.18 32.12 19.96
CA TRP A 360 4.08 32.87 19.37
C TRP A 360 3.25 33.48 20.49
N SER A 361 3.28 34.81 20.60
CA SER A 361 2.53 35.48 21.66
C SER A 361 1.03 35.29 21.50
N SER A 362 0.55 35.08 20.27
CA SER A 362 -0.87 34.85 20.04
C SER A 362 -1.36 33.53 20.62
N LEU A 363 -0.45 32.67 21.07
CA LEU A 363 -0.85 31.42 21.71
C LEU A 363 -0.89 31.52 23.23
N ARG A 364 -0.48 32.65 23.80
CA ARG A 364 -0.50 32.83 25.24
C ARG A 364 -1.18 34.14 25.63
N SER B 7 17.72 -37.73 4.53
CA SER B 7 17.30 -37.48 3.16
C SER B 7 15.81 -37.75 2.98
N PRO B 8 15.00 -36.72 3.17
CA PRO B 8 13.54 -36.90 3.16
C PRO B 8 12.99 -37.20 1.78
N ILE B 9 11.80 -37.80 1.79
CA ILE B 9 11.03 -38.05 0.57
C ILE B 9 10.17 -36.82 0.32
N THR B 10 10.41 -36.13 -0.79
CA THR B 10 9.71 -34.89 -1.12
C THR B 10 8.80 -35.12 -2.32
N GLY B 11 7.50 -34.94 -2.10
CA GLY B 11 6.57 -35.02 -3.20
C GLY B 11 6.52 -33.74 -4.00
N LEU B 12 6.18 -33.87 -5.28
CA LEU B 12 5.99 -32.72 -6.15
C LEU B 12 4.81 -32.99 -7.07
N VAL B 13 3.91 -32.03 -7.19
CA VAL B 13 2.79 -32.14 -8.10
C VAL B 13 2.80 -30.93 -9.04
N TYR B 14 2.59 -31.21 -10.32
CA TYR B 14 2.53 -30.19 -11.35
C TYR B 14 1.82 -30.78 -12.57
N ASP B 15 0.93 -30.00 -13.15
CA ASP B 15 0.19 -30.42 -14.34
C ASP B 15 0.05 -29.21 -15.26
N GLN B 16 0.55 -29.32 -16.48
CA GLN B 16 0.52 -28.17 -17.40
C GLN B 16 -0.90 -27.79 -17.80
N ARG B 17 -1.89 -28.66 -17.56
CA ARG B 17 -3.27 -28.29 -17.81
C ARG B 17 -3.69 -27.06 -17.00
N MET B 18 -3.04 -26.82 -15.85
CA MET B 18 -3.38 -25.64 -15.07
C MET B 18 -2.95 -24.34 -15.75
N MET B 19 -2.17 -24.42 -16.82
CA MET B 19 -1.87 -23.22 -17.62
C MET B 19 -3.07 -22.78 -18.47
N LEU B 20 -4.10 -23.63 -18.62
CA LEU B 20 -5.18 -23.31 -19.54
C LEU B 20 -6.03 -22.13 -19.06
N HIS B 21 -6.08 -21.90 -17.75
CA HIS B 21 -6.76 -20.75 -17.20
C HIS B 21 -6.08 -19.47 -17.66
N HIS B 22 -6.84 -18.56 -18.30
CA HIS B 22 -6.21 -17.39 -18.88
C HIS B 22 -7.20 -16.23 -18.96
N ASN B 23 -6.65 -15.04 -19.16
CA ASN B 23 -7.40 -13.80 -19.26
C ASN B 23 -7.52 -13.44 -20.75
N MET B 24 -8.70 -13.65 -21.33
CA MET B 24 -8.86 -13.46 -22.76
C MET B 24 -9.00 -12.00 -23.17
N TRP B 25 -9.11 -11.09 -22.22
CA TRP B 25 -9.18 -9.66 -22.55
C TRP B 25 -7.88 -8.92 -22.26
N ASP B 26 -7.03 -9.45 -21.38
CA ASP B 26 -5.73 -8.86 -21.05
C ASP B 26 -4.75 -10.03 -20.92
N SER B 27 -4.13 -10.39 -22.05
CA SER B 27 -3.20 -11.52 -22.07
C SER B 27 -1.96 -11.28 -21.21
N HIS B 28 -1.72 -10.04 -20.78
CA HIS B 28 -0.57 -9.71 -19.94
C HIS B 28 -0.95 -9.53 -18.48
N HIS B 29 -2.15 -9.96 -18.08
CA HIS B 29 -2.51 -9.95 -16.67
C HIS B 29 -1.44 -10.70 -15.87
N PRO B 30 -1.02 -10.19 -14.71
CA PRO B 30 0.14 -10.76 -14.03
C PRO B 30 -0.03 -12.22 -13.58
N GLU B 31 -1.27 -12.69 -13.40
CA GLU B 31 -1.50 -14.09 -13.01
C GLU B 31 -1.48 -14.95 -14.27
N LEU B 32 -0.27 -15.12 -14.81
CA LEU B 32 0.05 -15.67 -16.13
C LEU B 32 0.09 -17.19 -16.09
N PRO B 33 -0.38 -17.82 -17.18
CA PRO B 33 -0.23 -19.28 -17.32
C PRO B 33 1.20 -19.76 -17.11
N GLN B 34 2.20 -19.02 -17.60
CA GLN B 34 3.57 -19.50 -17.52
C GLN B 34 4.20 -19.33 -16.15
N ARG B 35 3.45 -18.83 -15.16
CA ARG B 35 3.95 -18.82 -13.79
C ARG B 35 4.35 -20.23 -13.34
N ILE B 36 3.47 -21.20 -13.56
CA ILE B 36 3.78 -22.55 -13.08
C ILE B 36 4.78 -23.26 -13.99
N SER B 37 4.74 -22.99 -15.30
CA SER B 37 5.67 -23.69 -16.19
C SER B 37 7.09 -23.19 -16.01
N ARG B 38 7.26 -21.89 -15.71
CA ARG B 38 8.59 -21.37 -15.44
C ARG B 38 9.13 -21.92 -14.12
N ILE B 39 8.28 -22.05 -13.10
CA ILE B 39 8.72 -22.65 -11.85
C ILE B 39 9.12 -24.10 -12.07
N PHE B 40 8.28 -24.85 -12.77
CA PHE B 40 8.59 -26.25 -13.05
C PHE B 40 9.87 -26.40 -13.85
N SER B 41 10.06 -25.54 -14.85
CA SER B 41 11.27 -25.58 -15.66
CA SER B 41 11.27 -25.59 -15.66
C SER B 41 12.52 -25.36 -14.81
N ARG B 42 12.45 -24.42 -13.88
CA ARG B 42 13.60 -24.14 -13.00
C ARG B 42 13.92 -25.34 -12.12
N HIS B 43 12.89 -26.07 -11.67
CA HIS B 43 13.11 -27.30 -10.93
C HIS B 43 13.86 -28.32 -11.77
N GLU B 44 13.58 -28.35 -13.08
CA GLU B 44 14.30 -29.24 -13.98
C GLU B 44 15.75 -28.80 -14.12
N GLU B 45 15.98 -27.51 -14.40
CA GLU B 45 17.33 -27.03 -14.65
C GLU B 45 18.23 -27.21 -13.44
N LEU B 46 17.68 -27.07 -12.23
CA LEU B 46 18.44 -27.23 -11.01
C LEU B 46 18.49 -28.67 -10.52
N ARG B 47 18.04 -29.62 -11.34
CA ARG B 47 18.07 -31.05 -11.02
C ARG B 47 17.29 -31.38 -9.75
N LEU B 48 16.29 -30.55 -9.43
CA LEU B 48 15.47 -30.82 -8.25
C LEU B 48 14.36 -31.82 -8.55
N LEU B 49 13.75 -31.70 -9.74
CA LEU B 49 12.64 -32.57 -10.10
C LEU B 49 13.01 -34.05 -9.98
N SER B 50 14.21 -34.41 -10.46
CA SER B 50 14.65 -35.81 -10.42
C SER B 50 14.93 -36.29 -9.00
N ARG B 51 14.99 -35.39 -8.02
CA ARG B 51 15.15 -35.78 -6.62
C ARG B 51 13.82 -35.91 -5.91
N CYS B 52 12.73 -35.51 -6.54
CA CYS B 52 11.41 -35.53 -5.93
C CYS B 52 10.60 -36.74 -6.34
N HIS B 53 9.59 -37.06 -5.53
N HIS B 53 9.63 -37.10 -5.49
CA HIS B 53 8.63 -38.10 -5.81
CA HIS B 53 8.64 -38.10 -5.83
C HIS B 53 7.42 -37.47 -6.49
C HIS B 53 7.49 -37.40 -6.53
N ARG B 54 7.26 -37.73 -7.79
CA ARG B 54 6.19 -37.10 -8.55
C ARG B 54 4.84 -37.59 -8.06
N ILE B 55 3.99 -36.66 -7.66
CA ILE B 55 2.64 -36.97 -7.18
C ILE B 55 1.66 -36.60 -8.30
N PRO B 56 0.78 -37.50 -8.71
CA PRO B 56 -0.13 -37.19 -9.82
C PRO B 56 -1.14 -36.12 -9.42
N ALA B 57 -1.47 -35.27 -10.39
CA ALA B 57 -2.56 -34.34 -10.21
C ALA B 57 -3.89 -35.04 -10.42
N ARG B 58 -4.95 -34.48 -9.83
CA ARG B 58 -6.28 -35.01 -10.04
C ARG B 58 -7.28 -33.87 -9.86
N LEU B 59 -8.48 -34.07 -10.40
CA LEU B 59 -9.57 -33.14 -10.17
C LEU B 59 -10.16 -33.38 -8.79
N ALA B 60 -10.41 -32.30 -8.06
CA ALA B 60 -11.23 -32.40 -6.87
C ALA B 60 -12.67 -32.68 -7.27
N THR B 61 -13.37 -33.44 -6.44
CA THR B 61 -14.80 -33.63 -6.68
C THR B 61 -15.58 -32.46 -6.10
N GLU B 62 -16.82 -32.32 -6.55
CA GLU B 62 -17.69 -31.31 -5.98
C GLU B 62 -17.98 -31.59 -4.52
N GLU B 63 -18.01 -32.88 -4.13
CA GLU B 63 -18.21 -33.22 -2.73
C GLU B 63 -17.00 -32.82 -1.88
N GLU B 64 -15.80 -32.83 -2.46
CA GLU B 64 -14.63 -32.36 -1.72
C GLU B 64 -14.59 -30.84 -1.62
N LEU B 65 -15.08 -30.15 -2.65
CA LEU B 65 -15.18 -28.70 -2.57
C LEU B 65 -16.14 -28.26 -1.47
N ALA B 66 -17.16 -29.07 -1.19
CA ALA B 66 -18.15 -28.73 -0.18
C ALA B 66 -17.60 -28.74 1.24
N LEU B 67 -16.36 -29.22 1.43
CA LEU B 67 -15.75 -29.14 2.74
C LEU B 67 -15.60 -27.70 3.21
N CYS B 68 -15.51 -26.74 2.28
CA CYS B 68 -15.34 -25.34 2.64
C CYS B 68 -16.33 -24.43 1.93
N HIS B 69 -16.73 -24.77 0.72
CA HIS B 69 -17.49 -23.86 -0.13
C HIS B 69 -18.95 -24.27 -0.22
N SER B 70 -19.81 -23.26 -0.40
CA SER B 70 -21.24 -23.49 -0.52
C SER B 70 -21.58 -24.12 -1.86
N SER B 71 -22.75 -24.79 -1.90
CA SER B 71 -23.22 -25.39 -3.14
C SER B 71 -23.42 -24.33 -4.22
N LYS B 72 -23.86 -23.13 -3.84
CA LYS B 72 -24.11 -22.08 -4.82
C LYS B 72 -22.82 -21.64 -5.49
N HIS B 73 -21.80 -21.32 -4.69
CA HIS B 73 -20.52 -20.88 -5.25
C HIS B 73 -19.93 -21.94 -6.16
N ILE B 74 -20.00 -23.21 -5.76
CA ILE B 74 -19.49 -24.29 -6.60
C ILE B 74 -20.25 -24.36 -7.91
N SER B 75 -21.59 -24.23 -7.85
CA SER B 75 -22.40 -24.30 -9.06
C SER B 75 -22.10 -23.13 -9.99
N ILE B 76 -22.00 -21.91 -9.43
CA ILE B 76 -21.79 -20.72 -10.25
C ILE B 76 -20.47 -20.83 -11.01
N ILE B 77 -19.39 -21.18 -10.31
CA ILE B 77 -18.09 -21.28 -10.97
C ILE B 77 -18.11 -22.39 -12.02
N LYS B 78 -18.74 -23.53 -11.69
CA LYS B 78 -18.83 -24.63 -12.64
C LYS B 78 -19.57 -24.22 -13.91
N SER B 79 -20.51 -23.27 -13.81
CA SER B 79 -21.30 -22.86 -14.96
C SER B 79 -20.47 -22.06 -15.97
N SER B 80 -19.33 -21.50 -15.56
CA SER B 80 -18.49 -20.76 -16.48
C SER B 80 -17.81 -21.67 -17.51
N GLU B 81 -17.87 -22.99 -17.30
CA GLU B 81 -17.17 -23.92 -18.18
C GLU B 81 -17.74 -23.89 -19.60
N HIS B 82 -19.01 -23.51 -19.75
CA HIS B 82 -19.67 -23.52 -21.04
C HIS B 82 -20.16 -22.13 -21.46
N MET B 83 -19.65 -21.08 -20.83
CA MET B 83 -20.15 -19.74 -21.09
C MET B 83 -19.51 -19.12 -22.33
N LYS B 84 -20.24 -18.20 -22.96
CA LYS B 84 -19.73 -17.40 -24.05
C LYS B 84 -18.86 -16.26 -23.52
N PRO B 85 -17.98 -15.70 -24.36
CA PRO B 85 -17.08 -14.63 -23.88
C PRO B 85 -17.78 -13.48 -23.18
N ARG B 86 -18.90 -12.99 -23.72
CA ARG B 86 -19.60 -11.88 -23.09
C ARG B 86 -20.11 -12.28 -21.71
N ASP B 87 -20.57 -13.51 -21.56
CA ASP B 87 -21.05 -13.98 -20.26
C ASP B 87 -19.90 -14.16 -19.28
N LEU B 88 -18.78 -14.73 -19.75
CA LEU B 88 -17.59 -14.85 -18.90
C LEU B 88 -17.13 -13.49 -18.41
N ASN B 89 -17.17 -12.48 -19.27
CA ASN B 89 -16.82 -11.13 -18.87
C ASN B 89 -17.74 -10.61 -17.78
N ARG B 90 -19.05 -10.85 -17.93
CA ARG B 90 -20.02 -10.33 -16.96
C ARG B 90 -19.92 -11.06 -15.63
N LEU B 91 -19.68 -12.37 -15.65
CA LEU B 91 -19.56 -13.12 -14.41
C LEU B 91 -18.34 -12.68 -13.61
N GLY B 92 -17.20 -12.49 -14.29
CA GLY B 92 -16.01 -12.02 -13.60
C GLY B 92 -16.19 -10.63 -13.00
N ASP B 93 -17.03 -9.80 -13.62
CA ASP B 93 -17.29 -8.47 -13.09
C ASP B 93 -18.04 -8.49 -11.77
N GLU B 94 -18.69 -9.60 -11.43
CA GLU B 94 -19.40 -9.70 -10.16
C GLU B 94 -18.47 -9.93 -8.98
N TYR B 95 -17.18 -10.16 -9.22
CA TYR B 95 -16.22 -10.41 -8.16
C TYR B 95 -15.15 -9.32 -8.13
N ASN B 96 -14.44 -9.27 -7.01
CA ASN B 96 -13.30 -8.37 -6.85
C ASN B 96 -12.08 -9.01 -7.49
N SER B 97 -11.66 -8.47 -8.63
CA SER B 97 -10.42 -8.86 -9.31
C SER B 97 -10.41 -10.34 -9.67
N ILE B 98 -11.30 -10.68 -10.60
CA ILE B 98 -11.44 -12.04 -11.09
C ILE B 98 -11.60 -11.99 -12.61
N PHE B 99 -10.82 -12.82 -13.31
CA PHE B 99 -11.06 -13.11 -14.72
C PHE B 99 -11.31 -14.60 -14.89
N ILE B 100 -12.17 -14.94 -15.85
CA ILE B 100 -12.65 -16.30 -16.01
C ILE B 100 -12.61 -16.68 -17.48
N SER B 101 -12.16 -17.89 -17.76
CA SER B 101 -12.26 -18.52 -19.07
C SER B 101 -12.98 -19.86 -18.91
N ASN B 102 -13.24 -20.53 -20.05
CA ASN B 102 -13.91 -21.81 -20.00
C ASN B 102 -13.09 -22.88 -19.29
N GLU B 103 -11.79 -22.65 -19.13
CA GLU B 103 -10.90 -23.61 -18.50
C GLU B 103 -10.67 -23.35 -17.02
N SER B 104 -11.15 -22.21 -16.50
CA SER B 104 -10.83 -21.79 -15.13
C SER B 104 -11.32 -22.81 -14.10
N TYR B 105 -12.57 -23.27 -14.25
CA TYR B 105 -13.14 -24.20 -13.28
C TYR B 105 -12.29 -25.47 -13.18
N THR B 106 -11.94 -26.06 -14.31
CA THR B 106 -11.13 -27.27 -14.31
C THR B 106 -9.75 -27.00 -13.69
N CYS B 107 -9.19 -25.82 -13.96
CA CYS B 107 -7.88 -25.52 -13.39
C CYS B 107 -7.95 -25.36 -11.88
N ALA B 108 -9.01 -24.74 -11.37
CA ALA B 108 -9.17 -24.64 -9.93
C ALA B 108 -9.41 -26.01 -9.31
N LEU B 109 -10.13 -26.89 -10.01
CA LEU B 109 -10.30 -28.26 -9.55
C LEU B 109 -8.98 -28.99 -9.49
N LEU B 110 -8.13 -28.82 -10.52
CA LEU B 110 -6.83 -29.47 -10.54
C LEU B 110 -5.93 -28.97 -9.41
N ALA B 111 -5.99 -27.67 -9.13
CA ALA B 111 -5.17 -27.13 -8.04
C ALA B 111 -5.55 -27.76 -6.70
N ALA B 112 -6.86 -27.83 -6.42
CA ALA B 112 -7.31 -28.40 -5.16
C ALA B 112 -6.99 -29.89 -5.08
N GLY B 113 -7.34 -30.64 -6.12
CA GLY B 113 -7.10 -32.07 -6.12
C GLY B 113 -5.63 -32.43 -6.08
N SER B 114 -4.78 -31.58 -6.67
CA SER B 114 -3.34 -31.79 -6.56
C SER B 114 -2.87 -31.70 -5.12
N CYS B 115 -3.39 -30.73 -4.38
CA CYS B 115 -3.00 -30.58 -2.98
C CYS B 115 -3.61 -31.66 -2.12
N PHE B 116 -4.82 -32.14 -2.46
CA PHE B 116 -5.41 -33.25 -1.74
C PHE B 116 -4.53 -34.50 -1.85
N ASN B 117 -4.13 -34.84 -3.07
CA ASN B 117 -3.23 -35.97 -3.26
C ASN B 117 -1.93 -35.77 -2.50
N SER B 118 -1.43 -34.52 -2.45
CA SER B 118 -0.17 -34.25 -1.76
C SER B 118 -0.33 -34.39 -0.26
N ALA B 119 -1.42 -33.88 0.30
CA ALA B 119 -1.66 -34.03 1.74
C ALA B 119 -1.93 -35.48 2.10
N GLN B 120 -2.62 -36.22 1.22
CA GLN B 120 -2.83 -37.64 1.46
C GLN B 120 -1.51 -38.39 1.49
N ALA B 121 -0.60 -38.08 0.56
CA ALA B 121 0.70 -38.76 0.55
C ALA B 121 1.48 -38.46 1.82
N ILE B 122 1.38 -37.23 2.32
CA ILE B 122 2.07 -36.87 3.57
C ILE B 122 1.46 -37.61 4.75
N LEU B 123 0.13 -37.60 4.84
CA LEU B 123 -0.54 -38.14 6.02
C LEU B 123 -0.48 -39.66 6.07
N THR B 124 -0.39 -40.33 4.93
CA THR B 124 -0.23 -41.78 4.92
C THR B 124 1.22 -42.20 4.97
N GLY B 125 2.16 -41.26 5.02
CA GLY B 125 3.57 -41.59 5.07
C GLY B 125 4.19 -41.95 3.74
N GLN B 126 3.48 -41.73 2.63
CA GLN B 126 4.07 -42.00 1.32
C GLN B 126 5.22 -41.06 1.02
N VAL B 127 5.11 -39.80 1.46
CA VAL B 127 6.18 -38.83 1.39
C VAL B 127 6.26 -38.12 2.73
N ARG B 128 7.40 -37.47 2.98
CA ARG B 128 7.56 -36.68 4.19
C ARG B 128 6.97 -35.28 4.02
N ASN B 129 7.37 -34.59 2.95
CA ASN B 129 6.89 -33.25 2.66
C ASN B 129 6.56 -33.17 1.17
N ALA B 130 6.09 -32.02 0.70
CA ALA B 130 5.67 -31.92 -0.69
C ALA B 130 5.57 -30.46 -1.11
N VAL B 131 5.65 -30.25 -2.42
CA VAL B 131 5.47 -28.93 -3.01
C VAL B 131 4.43 -29.03 -4.13
N ALA B 132 3.52 -28.06 -4.18
CA ALA B 132 2.43 -28.05 -5.15
C ALA B 132 2.58 -26.82 -6.03
N ILE B 133 2.88 -27.03 -7.31
CA ILE B 133 3.06 -25.94 -8.27
C ILE B 133 1.73 -25.80 -9.00
N VAL B 134 0.84 -24.99 -8.43
CA VAL B 134 -0.55 -24.92 -8.88
C VAL B 134 -0.95 -23.48 -9.15
N ARG B 135 -1.92 -23.33 -10.05
CA ARG B 135 -2.65 -22.08 -10.25
C ARG B 135 -4.04 -22.46 -10.76
N PRO B 136 -5.04 -21.58 -10.58
CA PRO B 136 -5.04 -20.27 -9.92
C PRO B 136 -4.84 -20.38 -8.41
N PRO B 137 -4.46 -19.27 -7.75
CA PRO B 137 -4.26 -19.31 -6.30
C PRO B 137 -5.57 -19.41 -5.53
N GLY B 138 -5.51 -19.44 -4.20
CA GLY B 138 -6.71 -19.74 -3.44
C GLY B 138 -7.03 -18.91 -2.21
N HIS B 139 -6.04 -18.29 -1.57
CA HIS B 139 -6.27 -17.82 -0.20
C HIS B 139 -7.21 -16.62 -0.10
N HIS B 140 -7.54 -15.96 -1.19
CA HIS B 140 -8.54 -14.89 -1.16
C HIS B 140 -9.96 -15.41 -1.29
N ALA B 141 -10.15 -16.67 -1.67
CA ALA B 141 -11.48 -17.21 -1.90
C ALA B 141 -12.20 -17.45 -0.58
N GLU B 142 -13.44 -16.99 -0.49
CA GLU B 142 -14.28 -17.18 0.68
C GLU B 142 -15.15 -18.41 0.49
N LYS B 143 -15.88 -18.76 1.56
CA LYS B 143 -16.79 -19.89 1.48
C LYS B 143 -17.81 -19.70 0.36
N ASP B 144 -18.26 -18.47 0.15
CA ASP B 144 -19.37 -18.19 -0.76
C ASP B 144 -18.97 -17.39 -2.00
N THR B 145 -17.70 -17.04 -2.19
CA THR B 145 -17.36 -16.20 -3.33
C THR B 145 -15.89 -16.34 -3.69
N ALA B 146 -15.59 -15.95 -4.92
CA ALA B 146 -14.23 -15.81 -5.43
C ALA B 146 -13.75 -14.38 -5.26
N CYS B 147 -12.42 -14.20 -5.28
CA CYS B 147 -11.84 -12.89 -5.02
C CYS B 147 -10.35 -12.94 -5.34
N GLY B 148 -9.83 -11.81 -5.85
CA GLY B 148 -8.40 -11.61 -6.02
C GLY B 148 -7.65 -12.74 -6.70
N PHE B 149 -8.10 -13.11 -7.89
CA PHE B 149 -7.54 -14.17 -8.75
C PHE B 149 -7.82 -15.56 -8.20
N CYS B 150 -8.53 -15.69 -7.07
CA CYS B 150 -8.75 -16.97 -6.43
C CYS B 150 -10.21 -17.40 -6.57
N PHE B 151 -10.41 -18.67 -6.93
CA PHE B 151 -11.75 -19.24 -7.10
C PHE B 151 -12.17 -20.11 -5.93
N PHE B 152 -11.32 -21.06 -5.54
CA PHE B 152 -11.56 -21.90 -4.38
C PHE B 152 -10.34 -21.81 -3.48
N ASN B 153 -10.57 -21.85 -2.17
CA ASN B 153 -9.48 -21.69 -1.21
C ASN B 153 -8.77 -23.02 -1.06
N THR B 154 -7.73 -23.21 -1.86
CA THR B 154 -7.02 -24.48 -1.92
C THR B 154 -6.42 -24.85 -0.57
N ALA B 155 -5.80 -23.89 0.12
CA ALA B 155 -5.19 -24.18 1.41
C ALA B 155 -6.25 -24.57 2.44
N ALA B 156 -7.36 -23.84 2.49
CA ALA B 156 -8.41 -24.16 3.45
C ALA B 156 -9.04 -25.51 3.16
N LEU B 157 -9.29 -25.79 1.87
CA LEU B 157 -9.83 -27.09 1.50
C LEU B 157 -8.90 -28.22 1.89
N THR B 158 -7.60 -28.01 1.75
CA THR B 158 -6.64 -29.08 2.06
C THR B 158 -6.59 -29.37 3.55
N ALA B 159 -6.74 -28.34 4.39
CA ALA B 159 -6.80 -28.58 5.82
C ALA B 159 -8.05 -29.38 6.20
N ARG B 160 -9.19 -29.02 5.64
CA ARG B 160 -10.41 -29.80 5.91
C ARG B 160 -10.32 -31.19 5.29
N TYR B 161 -9.72 -31.32 4.11
CA TYR B 161 -9.50 -32.64 3.53
C TYR B 161 -8.63 -33.49 4.44
N ALA B 162 -7.57 -32.90 4.99
CA ALA B 162 -6.69 -33.62 5.91
C ALA B 162 -7.47 -34.16 7.11
N GLN B 163 -8.35 -33.33 7.68
CA GLN B 163 -9.14 -33.77 8.82
C GLN B 163 -10.17 -34.82 8.42
N SER B 164 -10.63 -34.80 7.16
CA SER B 164 -11.63 -35.76 6.73
C SER B 164 -11.06 -37.18 6.64
N ILE B 165 -9.76 -37.32 6.44
CA ILE B 165 -9.15 -38.64 6.29
C ILE B 165 -8.31 -39.03 7.52
N THR B 166 -8.38 -38.25 8.60
CA THR B 166 -7.68 -38.63 9.83
C THR B 166 -8.63 -38.51 11.01
N ARG B 167 -8.72 -37.31 11.58
N ARG B 167 -8.73 -37.31 11.57
CA ARG B 167 -9.72 -37.03 12.61
CA ARG B 167 -9.70 -37.02 12.63
C ARG B 167 -10.14 -35.58 12.46
C ARG B 167 -10.13 -35.57 12.49
N GLU B 168 -11.38 -35.30 12.86
CA GLU B 168 -11.97 -33.97 12.61
C GLU B 168 -11.17 -32.85 13.23
N SER B 169 -10.51 -33.10 14.36
N SER B 169 -10.52 -33.09 14.37
CA SER B 169 -9.78 -32.06 15.08
CA SER B 169 -9.78 -32.07 15.09
C SER B 169 -8.27 -32.15 14.86
C SER B 169 -8.27 -32.16 14.87
N LEU B 170 -7.84 -32.74 13.76
CA LEU B 170 -6.41 -32.78 13.43
C LEU B 170 -5.84 -31.38 13.40
N ARG B 171 -4.74 -31.19 14.10
CA ARG B 171 -4.16 -29.85 14.25
C ARG B 171 -3.40 -29.49 12.98
N VAL B 172 -3.88 -28.48 12.26
CA VAL B 172 -3.28 -28.03 11.01
C VAL B 172 -2.84 -26.59 11.18
N LEU B 173 -1.59 -26.31 10.85
CA LEU B 173 -1.08 -24.94 10.79
C LEU B 173 -1.02 -24.50 9.34
N ILE B 174 -1.62 -23.34 9.06
CA ILE B 174 -1.51 -22.70 7.75
C ILE B 174 -0.68 -21.44 7.93
N VAL B 175 0.49 -21.43 7.31
CA VAL B 175 1.36 -20.25 7.29
C VAL B 175 1.21 -19.61 5.92
N ASP B 176 0.80 -18.35 5.89
CA ASP B 176 0.51 -17.62 4.66
C ASP B 176 1.55 -16.51 4.53
N TRP B 177 2.61 -16.77 3.77
CA TRP B 177 3.64 -15.76 3.56
C TRP B 177 3.52 -15.05 2.22
N ASP B 178 2.44 -15.27 1.50
CA ASP B 178 2.04 -14.39 0.41
C ASP B 178 2.00 -12.95 0.90
N VAL B 179 2.35 -12.01 0.03
CA VAL B 179 2.43 -10.62 0.49
C VAL B 179 1.05 -10.06 0.83
N HIS B 180 -0.02 -10.68 0.33
CA HIS B 180 -1.37 -10.26 0.61
C HIS B 180 -1.98 -11.09 1.72
N HIS B 181 -2.86 -10.46 2.50
CA HIS B 181 -3.57 -11.17 3.56
C HIS B 181 -4.54 -12.18 2.96
N GLY B 182 -4.58 -13.38 3.55
CA GLY B 182 -5.51 -14.40 3.11
C GLY B 182 -6.85 -14.27 3.80
N ASN B 183 -7.65 -13.31 3.35
CA ASN B 183 -8.95 -13.02 3.96
C ASN B 183 -9.83 -14.26 4.04
N GLY B 184 -9.89 -15.03 2.95
CA GLY B 184 -10.75 -16.21 2.93
C GLY B 184 -10.32 -17.25 3.95
N THR B 185 -9.02 -17.50 4.05
CA THR B 185 -8.53 -18.48 5.01
C THR B 185 -8.81 -18.05 6.45
N GLN B 186 -8.57 -16.77 6.75
CA GLN B 186 -8.89 -16.25 8.08
C GLN B 186 -10.36 -16.46 8.42
N HIS B 187 -11.25 -16.09 7.50
CA HIS B 187 -12.68 -16.18 7.78
C HIS B 187 -13.14 -17.62 7.94
N ILE B 188 -12.60 -18.54 7.14
CA ILE B 188 -13.03 -19.92 7.19
C ILE B 188 -12.75 -20.54 8.56
N PHE B 189 -11.59 -20.21 9.14
CA PHE B 189 -11.15 -20.84 10.38
C PHE B 189 -11.19 -19.90 11.58
N GLU B 190 -11.92 -18.78 11.47
CA GLU B 190 -11.81 -17.72 12.47
C GLU B 190 -12.28 -18.15 13.85
N GLU B 191 -13.22 -19.10 13.92
CA GLU B 191 -13.74 -19.58 15.19
C GLU B 191 -13.23 -20.97 15.52
N ASP B 192 -12.15 -21.41 14.88
CA ASP B 192 -11.69 -22.79 14.93
C ASP B 192 -10.33 -22.85 15.63
N ASP B 193 -10.23 -23.69 16.67
CA ASP B 193 -8.96 -23.90 17.35
C ASP B 193 -8.24 -25.16 16.87
N SER B 194 -8.75 -25.82 15.84
CA SER B 194 -8.04 -26.94 15.24
C SER B 194 -7.15 -26.52 14.08
N VAL B 195 -7.36 -25.33 13.54
CA VAL B 195 -6.59 -24.81 12.41
C VAL B 195 -6.03 -23.46 12.83
N LEU B 196 -4.71 -23.40 13.00
CA LEU B 196 -4.03 -22.15 13.33
C LEU B 196 -3.63 -21.43 12.05
N TYR B 197 -4.11 -20.21 11.87
CA TYR B 197 -3.79 -19.41 10.69
C TYR B 197 -2.81 -18.31 11.09
N ILE B 198 -1.68 -18.26 10.40
CA ILE B 198 -0.66 -17.23 10.62
C ILE B 198 -0.36 -16.60 9.27
N SER B 199 -0.58 -15.30 9.16
CA SER B 199 -0.37 -14.56 7.92
C SER B 199 0.59 -13.41 8.14
N LEU B 200 1.62 -13.33 7.30
CA LEU B 200 2.47 -12.15 7.15
C LEU B 200 2.01 -11.44 5.89
N HIS B 201 1.83 -10.11 5.96
CA HIS B 201 1.28 -9.44 4.79
C HIS B 201 1.55 -7.96 4.86
N ARG B 202 1.77 -7.37 3.69
CA ARG B 202 1.81 -5.92 3.58
C ARG B 202 0.42 -5.36 3.84
N TYR B 203 0.33 -4.46 4.83
CA TYR B 203 -0.95 -3.95 5.32
C TYR B 203 -1.12 -2.47 5.03
N GLU B 204 -0.09 -1.66 5.30
CA GLU B 204 -0.10 -0.22 5.07
C GLU B 204 -1.37 0.42 5.62
N ASP B 205 -1.64 0.15 6.89
CA ASP B 205 -2.74 0.77 7.62
C ASP B 205 -4.09 0.50 6.95
N GLY B 206 -4.23 -0.68 6.33
CA GLY B 206 -5.47 -1.07 5.71
C GLY B 206 -5.66 -0.62 4.27
N ALA B 207 -4.64 -0.01 3.66
CA ALA B 207 -4.76 0.49 2.30
C ALA B 207 -4.31 -0.49 1.23
N PHE B 208 -3.53 -1.51 1.59
CA PHE B 208 -3.09 -2.51 0.63
C PHE B 208 -4.17 -3.56 0.43
N PHE B 209 -4.23 -4.12 -0.78
CA PHE B 209 -5.19 -5.16 -1.08
C PHE B 209 -5.05 -6.30 -0.07
N PRO B 210 -6.15 -6.88 0.42
CA PRO B 210 -7.56 -6.65 0.03
C PRO B 210 -8.28 -5.52 0.78
N ASN B 211 -7.53 -4.56 1.33
CA ASN B 211 -8.07 -3.29 1.80
C ASN B 211 -9.05 -3.46 2.97
N SER B 212 -8.74 -4.36 3.89
CA SER B 212 -9.64 -4.64 5.01
C SER B 212 -8.86 -4.63 6.31
N GLU B 213 -9.39 -3.93 7.31
CA GLU B 213 -8.78 -3.96 8.64
C GLU B 213 -8.92 -5.30 9.32
N ASP B 214 -9.62 -6.26 8.70
CA ASP B 214 -9.58 -7.65 9.16
C ASP B 214 -8.15 -8.18 9.22
N ALA B 215 -7.23 -7.60 8.45
CA ALA B 215 -5.85 -8.06 8.38
C ALA B 215 -4.96 -7.49 9.48
N ASN B 216 -5.51 -6.70 10.41
CA ASN B 216 -4.66 -6.09 11.42
C ASN B 216 -4.38 -7.07 12.56
N TYR B 217 -3.34 -6.75 13.34
CA TYR B 217 -2.84 -7.67 14.35
C TYR B 217 -3.83 -7.92 15.48
N ASP B 218 -4.79 -7.01 15.70
CA ASP B 218 -5.73 -7.18 16.80
C ASP B 218 -6.79 -8.23 16.53
N LYS B 219 -6.91 -8.71 15.29
CA LYS B 219 -7.85 -9.78 14.96
C LYS B 219 -7.18 -11.10 15.32
N VAL B 220 -7.52 -11.64 16.48
CA VAL B 220 -6.83 -12.79 17.05
C VAL B 220 -7.67 -14.05 17.01
N GLY B 221 -8.85 -14.02 16.43
CA GLY B 221 -9.74 -15.15 16.44
C GLY B 221 -10.92 -14.92 17.38
N LEU B 222 -11.94 -15.76 17.21
CA LEU B 222 -13.20 -15.58 17.92
C LEU B 222 -13.64 -16.89 18.58
N GLY B 223 -14.33 -16.76 19.70
CA GLY B 223 -14.84 -17.95 20.39
C GLY B 223 -13.69 -18.82 20.86
N LYS B 224 -13.84 -20.12 20.63
CA LYS B 224 -12.74 -21.04 20.94
C LYS B 224 -11.53 -20.82 20.04
N GLY B 225 -11.69 -20.09 18.94
CA GLY B 225 -10.59 -19.76 18.06
C GLY B 225 -9.75 -18.57 18.49
N ARG B 226 -9.96 -18.06 19.70
N ARG B 226 -9.96 -18.04 19.68
CA ARG B 226 -9.16 -16.94 20.20
CA ARG B 226 -9.17 -16.90 20.13
C ARG B 226 -7.69 -17.36 20.29
C ARG B 226 -7.71 -17.31 20.32
N GLY B 227 -6.81 -16.55 19.70
CA GLY B 227 -5.40 -16.86 19.67
C GLY B 227 -4.97 -17.74 18.52
N TYR B 228 -5.92 -18.27 17.75
CA TYR B 228 -5.61 -19.16 16.63
C TYR B 228 -5.68 -18.45 15.28
N ASN B 229 -5.71 -17.12 15.29
CA ASN B 229 -5.56 -16.32 14.07
C ASN B 229 -4.51 -15.25 14.36
N VAL B 230 -3.37 -15.35 13.69
CA VAL B 230 -2.22 -14.49 13.94
C VAL B 230 -1.95 -13.68 12.69
N ASN B 231 -2.26 -12.39 12.72
CA ASN B 231 -1.98 -11.46 11.64
C ASN B 231 -0.71 -10.68 11.96
N ILE B 232 0.27 -10.76 11.06
CA ILE B 232 1.50 -9.98 11.19
C ILE B 232 1.51 -8.94 10.08
N PRO B 233 1.09 -7.71 10.35
CA PRO B 233 0.94 -6.72 9.28
C PRO B 233 2.14 -5.79 9.12
N TRP B 234 2.55 -5.55 7.88
CA TRP B 234 3.68 -4.67 7.59
C TRP B 234 3.18 -3.30 7.15
N ASN B 235 3.86 -2.25 7.61
CA ASN B 235 3.61 -0.88 7.19
C ASN B 235 4.93 -0.18 6.90
N GLY B 236 4.94 0.65 5.87
CA GLY B 236 6.05 1.54 5.61
C GLY B 236 7.03 1.14 4.52
N GLY B 237 6.56 0.51 3.45
CA GLY B 237 7.44 0.19 2.34
C GLY B 237 8.16 -1.15 2.50
N LYS B 238 9.25 -1.27 1.75
CA LYS B 238 9.88 -2.57 1.49
C LYS B 238 10.33 -3.24 2.78
N MET B 239 9.78 -4.43 3.03
CA MET B 239 10.30 -5.40 3.98
C MET B 239 11.04 -6.51 3.24
N GLY B 240 11.94 -7.17 3.92
CA GLY B 240 12.79 -8.18 3.31
C GLY B 240 13.20 -9.25 4.28
N ASP B 241 14.32 -9.92 3.97
CA ASP B 241 14.82 -11.02 4.79
C ASP B 241 14.95 -10.69 6.28
N PRO B 242 15.53 -9.56 6.69
CA PRO B 242 15.65 -9.33 8.15
C PRO B 242 14.31 -9.26 8.85
N GLU B 243 13.33 -8.62 8.22
CA GLU B 243 12.02 -8.45 8.85
C GLU B 243 11.29 -9.80 8.95
N TYR B 244 11.34 -10.61 7.90
CA TYR B 244 10.64 -11.89 7.94
C TYR B 244 11.34 -12.87 8.86
N MET B 245 12.68 -12.84 8.91
CA MET B 245 13.40 -13.68 9.87
C MET B 245 13.05 -13.29 11.30
N ALA B 246 12.93 -11.99 11.57
CA ALA B 246 12.57 -11.55 12.92
C ALA B 246 11.16 -11.96 13.30
N ALA B 247 10.22 -11.86 12.35
CA ALA B 247 8.85 -12.27 12.64
C ALA B 247 8.76 -13.77 12.89
N PHE B 248 9.54 -14.56 12.14
CA PHE B 248 9.55 -16.01 12.37
C PHE B 248 10.17 -16.34 13.72
N HIS B 249 11.24 -15.65 14.10
CA HIS B 249 11.93 -15.97 15.35
C HIS B 249 11.05 -15.66 16.56
N HIS B 250 10.40 -14.50 16.57
CA HIS B 250 9.69 -14.05 17.75
C HIS B 250 8.19 -14.38 17.75
N LEU B 251 7.62 -14.70 16.59
CA LEU B 251 6.18 -14.92 16.53
C LEU B 251 5.82 -16.26 15.91
N VAL B 252 6.18 -16.46 14.63
CA VAL B 252 5.70 -17.63 13.90
C VAL B 252 6.16 -18.92 14.58
N MET B 253 7.46 -19.05 14.82
CA MET B 253 7.96 -20.31 15.34
C MET B 253 7.57 -20.57 16.80
N PRO B 254 7.61 -19.57 17.70
CA PRO B 254 7.17 -19.87 19.08
C PRO B 254 5.71 -20.27 19.19
N ILE B 255 4.83 -19.59 18.45
CA ILE B 255 3.42 -19.96 18.47
C ILE B 255 3.22 -21.33 17.83
N ALA B 256 3.87 -21.57 16.69
CA ALA B 256 3.69 -22.83 15.98
C ALA B 256 4.16 -24.02 16.81
N ARG B 257 5.30 -23.88 17.49
CA ARG B 257 5.80 -24.98 18.30
C ARG B 257 4.87 -25.27 19.48
N GLU B 258 4.27 -24.22 20.07
CA GLU B 258 3.34 -24.44 21.16
C GLU B 258 2.04 -25.07 20.66
N PHE B 259 1.57 -24.62 19.49
CA PHE B 259 0.39 -25.22 18.87
C PHE B 259 0.66 -26.68 18.52
N ALA B 260 1.88 -26.99 18.08
CA ALA B 260 2.33 -28.32 17.70
C ALA B 260 1.45 -28.89 16.60
N PRO B 261 1.53 -28.37 15.38
CA PRO B 261 0.70 -28.90 14.29
C PRO B 261 1.06 -30.33 13.98
N GLU B 262 0.06 -31.08 13.50
CA GLU B 262 0.30 -32.39 12.93
C GLU B 262 0.47 -32.35 11.42
N LEU B 263 0.18 -31.21 10.80
CA LEU B 263 0.38 -30.98 9.38
C LEU B 263 0.56 -29.49 9.18
N VAL B 264 1.55 -29.12 8.38
CA VAL B 264 1.84 -27.72 8.08
C VAL B 264 1.54 -27.48 6.61
N LEU B 265 0.66 -26.52 6.34
CA LEU B 265 0.37 -26.06 4.99
C LEU B 265 0.91 -24.65 4.84
N VAL B 266 1.67 -24.41 3.78
CA VAL B 266 2.19 -23.09 3.49
C VAL B 266 1.40 -22.51 2.33
N SER B 267 0.65 -21.45 2.58
CA SER B 267 0.13 -20.63 1.50
C SER B 267 1.30 -19.81 0.98
N ALA B 268 2.03 -20.39 0.03
CA ALA B 268 3.33 -19.89 -0.38
C ALA B 268 3.18 -19.05 -1.64
N GLY B 269 2.72 -17.82 -1.43
CA GLY B 269 2.86 -16.81 -2.46
C GLY B 269 4.27 -16.25 -2.45
N PHE B 270 4.74 -15.86 -3.63
CA PHE B 270 6.08 -15.30 -3.75
C PHE B 270 6.05 -13.88 -4.28
N ASP B 271 4.97 -13.15 -3.98
CA ASP B 271 4.87 -11.75 -4.36
C ASP B 271 5.43 -10.80 -3.30
N ALA B 272 5.98 -11.32 -2.21
CA ALA B 272 6.85 -10.54 -1.34
C ALA B 272 8.31 -10.64 -1.75
N ALA B 273 8.59 -11.30 -2.87
CA ALA B 273 9.95 -11.50 -3.31
C ALA B 273 10.51 -10.25 -3.98
N ARG B 274 11.83 -10.09 -3.86
CA ARG B 274 12.54 -9.04 -4.58
C ARG B 274 12.23 -9.11 -6.07
N GLY B 275 11.79 -7.99 -6.63
CA GLY B 275 11.45 -7.91 -8.04
C GLY B 275 9.99 -8.08 -8.37
N ASP B 276 9.13 -8.34 -7.38
CA ASP B 276 7.73 -8.56 -7.71
C ASP B 276 7.05 -7.23 -8.01
N PRO B 277 6.31 -7.11 -9.11
CA PRO B 277 5.71 -5.83 -9.47
C PRO B 277 4.52 -5.44 -8.59
N LEU B 278 3.87 -6.40 -7.93
CA LEU B 278 2.70 -6.09 -7.11
C LEU B 278 3.00 -5.97 -5.62
N GLY B 279 4.08 -6.58 -5.14
CA GLY B 279 4.34 -6.62 -3.72
C GLY B 279 5.19 -5.49 -3.19
N GLY B 280 6.25 -5.13 -3.93
CA GLY B 280 7.15 -4.08 -3.48
C GLY B 280 8.11 -4.45 -2.38
N PHE B 281 8.17 -5.73 -2.00
CA PHE B 281 9.07 -6.19 -0.96
C PHE B 281 10.33 -6.78 -1.60
N GLN B 282 11.21 -7.32 -0.76
CA GLN B 282 12.51 -7.77 -1.26
C GLN B 282 13.00 -9.01 -0.52
N VAL B 283 12.10 -9.92 -0.17
CA VAL B 283 12.54 -11.22 0.33
C VAL B 283 13.31 -11.93 -0.77
N THR B 284 14.48 -12.44 -0.43
CA THR B 284 15.35 -13.09 -1.41
C THR B 284 15.03 -14.58 -1.49
N PRO B 285 15.50 -15.26 -2.54
CA PRO B 285 15.34 -16.73 -2.56
C PRO B 285 15.97 -17.41 -1.36
N GLU B 286 17.10 -16.90 -0.90
CA GLU B 286 17.73 -17.44 0.30
C GLU B 286 16.84 -17.23 1.52
N GLY B 287 16.16 -16.09 1.59
CA GLY B 287 15.25 -15.85 2.71
C GLY B 287 14.12 -16.86 2.74
N TYR B 288 13.49 -17.10 1.60
CA TYR B 288 12.44 -18.12 1.54
C TYR B 288 12.98 -19.48 1.96
N ALA B 289 14.21 -19.79 1.56
CA ALA B 289 14.83 -21.04 1.98
C ALA B 289 14.88 -21.15 3.50
N HIS B 290 15.27 -20.07 4.17
CA HIS B 290 15.37 -20.10 5.61
C HIS B 290 14.01 -20.23 6.27
N LEU B 291 12.99 -19.58 5.71
CA LEU B 291 11.64 -19.72 6.26
C LEU B 291 11.15 -21.16 6.12
N THR B 292 11.36 -21.75 4.93
CA THR B 292 10.99 -23.15 4.72
C THR B 292 11.70 -24.06 5.70
N HIS B 293 13.01 -23.85 5.86
CA HIS B 293 13.81 -24.70 6.73
C HIS B 293 13.30 -24.64 8.17
N GLN B 294 12.89 -23.47 8.63
CA GLN B 294 12.36 -23.35 9.98
C GLN B 294 11.05 -24.12 10.14
N LEU B 295 10.15 -23.98 9.17
CA LEU B 295 8.88 -24.69 9.26
C LEU B 295 9.07 -26.21 9.24
N MET B 296 10.16 -26.69 8.64
CA MET B 296 10.41 -28.13 8.59
C MET B 296 10.66 -28.72 9.97
N SER B 297 11.01 -27.91 10.97
CA SER B 297 11.18 -28.44 12.32
C SER B 297 9.85 -28.76 12.99
N LEU B 298 8.72 -28.45 12.36
CA LEU B 298 7.40 -28.69 12.92
C LEU B 298 6.77 -29.95 12.32
N ALA B 299 5.77 -30.48 13.04
CA ALA B 299 4.93 -31.57 12.56
C ALA B 299 5.74 -32.77 12.09
N ALA B 300 6.92 -32.97 12.69
CA ALA B 300 7.85 -34.01 12.27
C ALA B 300 8.15 -33.93 10.78
N GLY B 301 8.22 -32.70 10.27
CA GLY B 301 8.59 -32.45 8.89
C GLY B 301 7.47 -32.54 7.88
N ARG B 302 6.23 -32.71 8.31
CA ARG B 302 5.10 -32.88 7.40
C ARG B 302 4.61 -31.50 6.96
N VAL B 303 5.22 -31.02 5.87
CA VAL B 303 4.99 -29.67 5.35
C VAL B 303 4.57 -29.78 3.90
N LEU B 304 3.51 -29.07 3.53
CA LEU B 304 3.06 -28.96 2.14
C LEU B 304 3.13 -27.51 1.71
N ILE B 305 3.92 -27.23 0.68
CA ILE B 305 4.11 -25.88 0.16
C ILE B 305 3.22 -25.72 -1.06
N ILE B 306 2.23 -24.82 -0.97
CA ILE B 306 1.22 -24.61 -1.99
C ILE B 306 1.42 -23.23 -2.61
N LEU B 307 1.63 -23.20 -3.93
CA LEU B 307 1.83 -21.91 -4.61
C LEU B 307 0.57 -21.06 -4.54
N GLU B 308 0.74 -19.80 -4.14
CA GLU B 308 -0.34 -18.83 -4.19
C GLU B 308 0.00 -17.78 -5.25
N GLY B 309 0.31 -16.55 -4.81
CA GLY B 309 0.67 -15.48 -5.71
C GLY B 309 2.16 -15.44 -6.00
N GLY B 310 2.57 -14.36 -6.64
CA GLY B 310 3.96 -14.20 -7.08
C GLY B 310 4.01 -14.04 -8.58
N TYR B 311 4.49 -12.89 -9.05
CA TYR B 311 4.26 -12.49 -10.42
C TYR B 311 5.49 -12.11 -11.21
N ASN B 312 6.67 -12.07 -10.60
CA ASN B 312 7.93 -11.97 -11.32
C ASN B 312 8.38 -13.40 -11.64
N LEU B 313 8.35 -13.76 -12.93
CA LEU B 313 8.58 -15.16 -13.32
C LEU B 313 9.94 -15.66 -12.86
N THR B 314 10.98 -14.82 -12.96
CA THR B 314 12.29 -15.24 -12.48
C THR B 314 12.31 -15.34 -10.96
N SER B 315 11.71 -14.37 -10.27
CA SER B 315 11.74 -14.37 -8.81
CA SER B 315 11.74 -14.37 -8.81
C SER B 315 11.04 -15.58 -8.23
N ILE B 316 9.85 -15.92 -8.75
CA ILE B 316 9.11 -17.05 -8.19
C ILE B 316 9.78 -18.37 -8.55
N SER B 317 10.40 -18.46 -9.73
CA SER B 317 11.10 -19.68 -10.10
C SER B 317 12.29 -19.92 -9.18
N GLU B 318 13.09 -18.88 -8.96
CA GLU B 318 14.21 -18.99 -8.03
C GLU B 318 13.73 -19.29 -6.60
N SER B 319 12.68 -18.58 -6.15
CA SER B 319 12.28 -18.67 -4.77
C SER B 319 11.62 -20.00 -4.44
N MET B 320 10.72 -20.48 -5.30
CA MET B 320 10.07 -21.76 -5.00
C MET B 320 11.05 -22.92 -5.13
N SER B 321 11.99 -22.84 -6.07
CA SER B 321 13.01 -23.88 -6.20
CA SER B 321 13.00 -23.89 -6.19
C SER B 321 13.88 -23.95 -4.95
N MET B 322 14.16 -22.80 -4.33
CA MET B 322 14.93 -22.80 -3.08
C MET B 322 14.15 -23.49 -1.98
N CYS B 323 12.83 -23.32 -1.96
CA CYS B 323 12.00 -23.98 -0.95
C CYS B 323 12.03 -25.48 -1.14
N THR B 324 11.88 -25.95 -2.38
CA THR B 324 11.93 -27.38 -2.66
C THR B 324 13.30 -27.94 -2.27
N SER B 325 14.37 -27.20 -2.56
CA SER B 325 15.71 -27.63 -2.16
C SER B 325 15.80 -27.84 -0.65
N MET B 326 15.17 -26.95 0.13
CA MET B 326 15.16 -27.14 1.58
C MET B 326 14.38 -28.38 1.97
N LEU B 327 13.20 -28.57 1.37
CA LEU B 327 12.40 -29.77 1.66
C LEU B 327 13.19 -31.04 1.36
N LEU B 328 14.04 -31.02 0.33
CA LEU B 328 14.85 -32.17 -0.04
C LEU B 328 15.99 -32.43 0.94
N GLY B 329 16.20 -31.55 1.92
CA GLY B 329 17.23 -31.75 2.91
C GLY B 329 18.52 -31.00 2.68
N ASP B 330 18.57 -30.09 1.70
CA ASP B 330 19.77 -29.31 1.48
C ASP B 330 19.99 -28.32 2.63
N SER B 331 21.26 -28.00 2.88
CA SER B 331 21.58 -27.04 3.93
C SER B 331 21.13 -25.65 3.51
N PRO B 332 20.59 -24.86 4.44
CA PRO B 332 20.14 -23.51 4.10
C PRO B 332 21.32 -22.63 3.71
N PRO B 333 21.14 -21.74 2.75
CA PRO B 333 22.23 -20.86 2.32
C PRO B 333 22.51 -19.78 3.37
N SER B 334 23.63 -19.11 3.19
CA SER B 334 23.96 -17.96 4.02
C SER B 334 23.15 -16.76 3.58
N LEU B 335 22.76 -15.94 4.56
CA LEU B 335 21.98 -14.73 4.32
C LEU B 335 22.93 -13.54 4.27
N ASP B 336 22.93 -12.83 3.14
CA ASP B 336 23.79 -11.66 2.97
C ASP B 336 23.47 -10.56 3.98
N THR B 339 22.41 -4.74 7.73
CA THR B 339 21.11 -4.17 7.39
C THR B 339 20.11 -4.37 8.52
N PRO B 340 20.11 -3.45 9.49
CA PRO B 340 19.22 -3.60 10.64
C PRO B 340 17.75 -3.56 10.23
N LEU B 341 16.91 -4.02 11.15
CA LEU B 341 15.47 -4.05 10.91
C LEU B 341 14.94 -2.66 10.60
N LYS B 342 14.00 -2.61 9.66
CA LYS B 342 13.19 -1.40 9.52
C LYS B 342 12.46 -1.14 10.82
N THR B 343 12.49 0.12 11.27
CA THR B 343 11.90 0.47 12.56
C THR B 343 10.43 0.04 12.64
N SER B 344 9.69 0.25 11.55
CA SER B 344 8.26 -0.08 11.55
C SER B 344 8.03 -1.58 11.72
N ALA B 345 8.98 -2.40 11.30
CA ALA B 345 8.82 -3.85 11.45
C ALA B 345 8.94 -4.26 12.91
N THR B 346 9.90 -3.69 13.64
CA THR B 346 9.99 -3.94 15.07
C THR B 346 8.69 -3.54 15.77
N VAL B 347 8.09 -2.43 15.35
CA VAL B 347 6.82 -2.00 15.93
C VAL B 347 5.72 -3.02 15.64
N SER B 348 5.65 -3.50 14.39
CA SER B 348 4.67 -4.50 14.03
C SER B 348 4.80 -5.75 14.90
N ILE B 349 6.05 -6.22 15.08
CA ILE B 349 6.27 -7.44 15.84
C ILE B 349 5.88 -7.25 17.30
N ASN B 350 6.18 -6.08 17.87
CA ASN B 350 5.76 -5.80 19.24
C ASN B 350 4.23 -5.72 19.34
N ASN B 351 3.56 -5.23 18.29
CA ASN B 351 2.10 -5.20 18.29
C ASN B 351 1.52 -6.60 18.37
N VAL B 352 2.05 -7.52 17.56
CA VAL B 352 1.53 -8.88 17.56
C VAL B 352 1.83 -9.58 18.87
N LEU B 353 3.01 -9.32 19.44
CA LEU B 353 3.36 -9.89 20.75
C LEU B 353 2.35 -9.49 21.80
N ARG B 354 1.98 -8.21 21.84
CA ARG B 354 0.98 -7.75 22.81
C ARG B 354 -0.36 -8.43 22.58
N ALA B 355 -0.73 -8.64 21.32
CA ALA B 355 -2.05 -9.17 21.01
C ALA B 355 -2.16 -10.66 21.30
N HIS B 356 -1.06 -11.40 21.26
CA HIS B 356 -1.12 -12.84 21.42
C HIS B 356 -0.40 -13.37 22.66
N ALA B 357 0.37 -12.54 23.36
CA ALA B 357 0.87 -12.93 24.67
C ALA B 357 -0.23 -13.41 25.62
N PRO B 358 -1.48 -12.90 25.58
CA PRO B 358 -2.50 -13.47 26.46
C PRO B 358 -2.79 -14.94 26.21
N PHE B 359 -2.52 -15.45 25.01
CA PHE B 359 -2.92 -16.80 24.65
C PHE B 359 -1.78 -17.80 24.56
N TRP B 360 -0.55 -17.34 24.30
CA TRP B 360 0.57 -18.22 24.03
C TRP B 360 1.67 -17.95 25.05
N SER B 361 1.92 -18.93 25.93
CA SER B 361 2.92 -18.78 26.97
C SER B 361 4.33 -18.63 26.40
N SER B 362 4.56 -19.11 25.18
CA SER B 362 5.87 -18.98 24.55
C SER B 362 6.23 -17.54 24.20
N LEU B 363 5.27 -16.62 24.22
CA LEU B 363 5.52 -15.22 23.94
C LEU B 363 5.80 -14.41 25.20
N ARG B 364 5.72 -15.03 26.38
CA ARG B 364 5.88 -14.30 27.63
C ARG B 364 7.33 -14.35 28.11
ZN ZN C . -0.95 12.12 1.21
K K D . 0.17 17.25 6.03
K K E . 10.35 26.80 8.64
C02 W45 F . 1.11 10.01 -0.40
C03 W45 F . 1.58 11.29 -1.04
C06 W45 F . 1.68 8.10 1.09
C07 W45 F . 2.71 7.03 0.67
C08 W45 F . 2.25 5.61 0.77
C09 W45 F . 3.38 4.57 0.73
C10 W45 F . 3.01 3.25 1.41
C12 W45 F . 0.62 3.19 2.23
C13 W45 F . -0.61 2.77 1.75
C14 W45 F . -0.39 2.22 0.45
C15 W45 F . -1.27 1.66 -0.47
C16 W45 F . -0.74 1.22 -1.66
C18 W45 F . 0.64 1.34 -1.93
C20 W45 F . 1.53 1.89 -1.05
C21 W45 F . 0.98 2.33 0.17
N05 W45 F . 2.01 9.36 0.43
N11 W45 F . 1.61 2.92 1.26
O01 W45 F . -0.01 9.55 -0.58
S04 W45 F . 0.47 12.63 -0.57
CL2 W45 F . -1.76 0.51 -2.81
CL1 W45 F . 1.24 0.76 -3.44
C1 PEG G . 9.35 12.02 8.18
O1 PEG G . 10.50 12.77 8.23
C2 PEG G . 8.28 12.78 8.99
O2 PEG G . 7.03 12.13 8.83
C3 PEG G . 6.87 11.10 9.76
C4 PEG G . 5.51 10.37 9.62
O4 PEG G . 4.54 11.05 10.32
ZN ZN H . -0.51 -12.21 -3.17
K K I . -0.13 -13.54 3.78
K K J . -8.14 -20.25 13.42
C02 W45 K . -3.12 -11.82 -5.41
C03 W45 K . -3.31 -13.29 -5.12
C06 W45 K . -3.98 -9.52 -5.14
C07 W45 K . -5.12 -9.09 -6.11
C08 W45 K . -5.01 -7.67 -6.61
C09 W45 K . -6.35 -7.10 -7.11
C10 W45 K . -6.33 -5.58 -7.31
C12 W45 K . -4.14 -4.40 -6.88
C13 W45 K . -3.00 -4.12 -7.58
C14 W45 K . -3.15 -4.64 -8.91
C15 W45 K . -2.31 -4.64 -10.03
C16 W45 K . -2.77 -5.23 -11.17
C18 W45 K . -4.04 -5.84 -11.23
C20 W45 K . -4.89 -5.86 -10.15
C21 W45 K . -4.44 -5.26 -8.97
N05 W45 K . -4.07 -10.95 -4.90
N11 W45 K . -5.03 -5.10 -7.73
O01 W45 K . -2.18 -11.40 -6.07
S04 W45 K . -2.03 -13.79 -3.97
CL2 W45 K . -1.77 -5.24 -12.56
CL1 W45 K . -4.54 -6.57 -12.69
CAC FLC L . 11.32 -12.45 -16.56
CA FLC L . 11.49 -11.95 -15.11
CB FLC L . 12.35 -10.68 -15.03
CBC FLC L . 11.53 -9.45 -15.54
CG FLC L . 12.72 -10.40 -13.56
CGC FLC L . 14.23 -10.37 -13.30
OA1 FLC L . 10.72 -11.65 -17.36
OA2 FLC L . 11.74 -13.55 -16.93
OB1 FLC L . 12.01 -8.56 -16.23
OB2 FLC L . 10.30 -9.50 -15.17
OG1 FLC L . 15.07 -10.57 -14.20
OG2 FLC L . 14.58 -10.12 -12.11
OHB FLC L . 13.51 -10.84 -15.79
C1 PEG M . 6.62 -34.40 -16.80
O1 PEG M . 7.91 -34.33 -16.33
C2 PEG M . 6.06 -32.96 -16.77
O2 PEG M . 4.84 -32.97 -17.47
C3 PEG M . 3.87 -32.15 -16.88
C4 PEG M . 2.57 -32.96 -16.79
O4 PEG M . 1.53 -32.08 -17.01
C1 EDO N . 10.47 -15.69 21.75
O1 EDO N . 11.43 -14.62 21.80
C2 EDO N . 9.09 -15.13 22.03
O2 EDO N . 8.79 -14.10 21.09
#